data_8D5Q
#
_entry.id   8D5Q
#
_cell.length_a   89.963
_cell.length_b   89.963
_cell.length_c   105.982
_cell.angle_alpha   90.000
_cell.angle_beta   90.000
_cell.angle_gamma   90.000
#
_symmetry.space_group_name_H-M   'P 41'
#
loop_
_entity.id
_entity.type
_entity.pdbx_description
1 polymer TCR-alpha
2 polymer TCR-beta
3 polymer 'H-2 class I histocompatibility antigen, L-D alpha chain'
4 polymer 'Dense granule protein 6, HF10 peptide'
5 non-polymer 'SULFATE ION'
6 non-polymer '2-(N-MORPHOLINO)-ETHANESULFONIC ACID'
7 water water
#
loop_
_entity_poly.entity_id
_entity_poly.type
_entity_poly.pdbx_seq_one_letter_code
_entity_poly.pdbx_strand_id
1 'polypeptide(L)'
;MDSVTQTEGQVALSEEDFLTIHCNYSASGYPALFWYVQYPGEGPQFLFRASRDKEKGSSRGFEATYNKETTSFHLQKASV
QESDSAVYYCALGDPTGANTGKLTFGHGTILRVHPNIQNPDPAVYQLRDSKSSDKSVCLFTDFDSQTNVSQSKDSDVYIT
DKCVLDMRSMDFKSNSAVAWSNKSDFACANAFNNSIIPEDTFFPSPESS
;
A
2 'polypeptide(L)'
;MTLLEQNPRWRLVPRGQAVNLRCILKNSQYPWMSWYQQDLQKQLQWLFTLRSPGDKEVKSLPGADYLATRVTDTELRLQV
ANMSQGRTLYCTCSAGRGGYAEQFFGPGTRLTVLEDLKNVFPPEVAVFEPSEAEISHTQKATLVCLATGFYPDHVELSWW
VNGKEVHSGVCTDPQPLKEQPALNDSRYALSSRLRVSATFWQNPRNHFRCQVQFYGLSENDEWTQDRAKPVTQIVSAEAW
GRAD
;
B
3 'polypeptide(L)'
;MGPHSMRYYETATSRRGLGEPRYTSVGYVDDKEFVRFDSDAENPRYEPQVPWMEQEGPEYWERITQVAKGQEQWFRVNLR
TLLGYYNQSAGGTHTLQWMYGCDVGSDGRLLRGYEQFAYDGCDYIALNEDLRTWTAADMAAQITRRKWEQAGAAEYYRAY
LEGECVEWLHRYLKNGNATL
;
C
4 'polypeptide(L)' HPGSVNEFDF E
#
loop_
_chem_comp.id
_chem_comp.type
_chem_comp.name
_chem_comp.formula
MES non-polymer '2-(N-MORPHOLINO)-ETHANESULFONIC ACID' 'C6 H13 N O4 S'
SO4 non-polymer 'SULFATE ION' 'O4 S -2'
#
# COMPACT_ATOMS: atom_id res chain seq x y z
N MET A 1 22.71 -1.40 -4.01
CA MET A 1 22.22 -0.69 -2.79
C MET A 1 20.96 -1.42 -2.25
N ASP A 2 20.34 -0.89 -1.21
CA ASP A 2 19.18 -1.54 -0.55
C ASP A 2 18.12 -1.78 -1.62
N SER A 3 17.44 -2.91 -1.59
CA SER A 3 16.52 -3.25 -2.69
C SER A 3 15.54 -4.33 -2.26
N VAL A 4 14.45 -4.44 -2.98
CA VAL A 4 13.42 -5.51 -2.82
C VAL A 4 13.05 -5.92 -4.23
N THR A 5 13.04 -7.21 -4.49
CA THR A 5 12.76 -7.81 -5.81
C THR A 5 11.67 -8.88 -5.62
N GLN A 6 10.56 -8.70 -6.31
CA GLN A 6 9.46 -9.66 -6.43
C GLN A 6 9.55 -10.21 -7.83
N THR A 7 9.79 -11.51 -7.98
CA THR A 7 10.21 -12.24 -9.22
C THR A 7 9.08 -12.16 -10.28
N GLU A 8 7.84 -11.98 -9.82
CA GLU A 8 6.64 -12.10 -10.67
C GLU A 8 5.98 -10.72 -10.80
N GLY A 9 5.55 -10.33 -12.01
CA GLY A 9 4.52 -9.28 -12.21
C GLY A 9 3.08 -9.73 -11.99
N GLN A 10 2.67 -10.89 -12.50
CA GLN A 10 1.27 -11.42 -12.49
C GLN A 10 1.29 -12.95 -12.23
N VAL A 11 0.32 -13.44 -11.47
CA VAL A 11 0.14 -14.89 -11.23
C VAL A 11 -1.35 -15.17 -11.38
N ALA A 12 -1.70 -16.16 -12.23
CA ALA A 12 -3.09 -16.65 -12.46
C ALA A 12 -3.24 -18.07 -11.90
N LEU A 13 -4.16 -18.26 -10.97
CA LEU A 13 -4.46 -19.55 -10.29
C LEU A 13 -5.98 -19.78 -10.35
N SER A 14 -6.41 -21.05 -10.30
CA SER A 14 -7.78 -21.46 -9.85
C SER A 14 -7.89 -21.42 -8.32
N GLU A 15 -9.11 -21.38 -7.86
CA GLU A 15 -9.49 -21.50 -6.45
C GLU A 15 -8.89 -22.79 -5.92
N GLU A 16 -8.33 -22.74 -4.70
CA GLU A 16 -7.80 -23.92 -3.96
C GLU A 16 -6.41 -24.28 -4.49
N ASP A 17 -5.87 -23.57 -5.48
CA ASP A 17 -4.49 -23.83 -5.92
C ASP A 17 -3.51 -23.35 -4.86
N PHE A 18 -2.27 -23.83 -4.96
CA PHE A 18 -1.12 -23.46 -4.08
C PHE A 18 -0.47 -22.19 -4.66
N LEU A 19 -0.23 -21.19 -3.81
CA LEU A 19 0.34 -19.87 -4.20
C LEU A 19 1.68 -19.65 -3.53
N THR A 20 2.66 -19.19 -4.28
CA THR A 20 3.89 -18.64 -3.73
C THR A 20 4.16 -17.39 -4.53
N ILE A 21 4.42 -16.28 -3.82
CA ILE A 21 4.99 -15.05 -4.42
C ILE A 21 6.36 -14.81 -3.79
N HIS A 22 7.39 -14.78 -4.62
CA HIS A 22 8.83 -14.66 -4.23
C HIS A 22 9.15 -13.20 -3.86
N CYS A 23 9.79 -13.01 -2.71
CA CYS A 23 10.38 -11.72 -2.29
C CYS A 23 11.82 -11.94 -1.85
N ASN A 24 12.73 -11.22 -2.45
CA ASN A 24 14.17 -11.27 -2.10
C ASN A 24 14.53 -9.83 -1.82
N TYR A 25 15.36 -9.57 -0.84
CA TYR A 25 15.83 -8.22 -0.54
C TYR A 25 17.34 -8.26 -0.37
N SER A 26 17.88 -7.07 -0.44
CA SER A 26 19.29 -6.73 -0.22
C SER A 26 19.30 -5.57 0.77
N ALA A 27 19.84 -5.82 1.95
CA ALA A 27 19.97 -4.92 3.11
C ALA A 27 20.90 -5.59 4.12
N SER A 28 21.82 -4.84 4.70
CA SER A 28 22.55 -5.33 5.88
C SER A 28 21.81 -4.85 7.14
N GLY A 29 22.13 -5.42 8.27
CA GLY A 29 21.49 -5.12 9.54
C GLY A 29 20.33 -6.07 9.81
N TYR A 30 19.32 -5.51 10.45
CA TYR A 30 18.24 -6.27 11.07
C TYR A 30 16.93 -5.61 10.73
N PRO A 31 16.63 -5.42 9.43
CA PRO A 31 15.39 -4.78 9.00
C PRO A 31 14.20 -5.68 9.30
N ALA A 32 13.10 -5.06 9.66
CA ALA A 32 11.79 -5.75 9.66
C ALA A 32 11.40 -5.95 8.21
N LEU A 33 10.62 -6.99 7.91
CA LEU A 33 10.13 -7.26 6.56
C LEU A 33 8.61 -7.27 6.63
N PHE A 34 7.91 -6.98 5.55
CA PHE A 34 6.44 -6.84 5.59
C PHE A 34 5.85 -7.32 4.27
N TRP A 35 4.57 -7.69 4.34
CA TRP A 35 3.67 -7.86 3.20
C TRP A 35 2.52 -6.91 3.40
N TYR A 36 2.11 -6.29 2.29
CA TYR A 36 0.93 -5.42 2.10
C TYR A 36 0.15 -5.96 0.91
N VAL A 37 -1.16 -5.78 0.98
CA VAL A 37 -2.15 -6.23 -0.04
C VAL A 37 -3.02 -5.02 -0.44
N GLN A 38 -3.25 -4.88 -1.73
CA GLN A 38 -4.11 -3.77 -2.23
C GLN A 38 -5.25 -4.46 -2.95
N TYR A 39 -6.42 -4.66 -2.30
CA TYR A 39 -7.62 -5.22 -2.99
C TYR A 39 -8.07 -4.20 -4.04
N PRO A 40 -8.71 -4.65 -5.15
CA PRO A 40 -9.10 -3.77 -6.27
C PRO A 40 -10.00 -2.59 -5.87
N GLY A 41 -9.66 -1.41 -6.40
CA GLY A 41 -10.31 -0.13 -6.05
C GLY A 41 -9.97 0.39 -4.66
N GLU A 42 -9.05 -0.22 -3.90
CA GLU A 42 -8.77 0.19 -2.49
C GLU A 42 -7.34 0.71 -2.35
N GLY A 43 -6.98 1.16 -1.14
CA GLY A 43 -5.59 1.53 -0.81
C GLY A 43 -4.79 0.33 -0.26
N PRO A 44 -3.46 0.38 -0.20
CA PRO A 44 -2.69 -0.72 0.37
C PRO A 44 -2.96 -0.86 1.84
N GLN A 45 -2.81 -2.08 2.34
CA GLN A 45 -2.98 -2.31 3.79
C GLN A 45 -2.06 -3.43 4.26
N PHE A 46 -1.66 -3.28 5.49
CA PHE A 46 -0.80 -4.23 6.19
C PHE A 46 -1.40 -5.64 6.18
N LEU A 47 -0.56 -6.63 5.95
CA LEU A 47 -0.90 -8.08 6.05
C LEU A 47 -0.18 -8.64 7.30
N PHE A 48 1.15 -8.67 7.29
CA PHE A 48 1.92 -9.03 8.49
C PHE A 48 3.36 -8.55 8.35
N ARG A 49 4.08 -8.78 9.42
CA ARG A 49 5.44 -8.32 9.70
C ARG A 49 6.24 -9.55 10.15
N ALA A 50 7.56 -9.54 10.00
CA ALA A 50 8.46 -10.44 10.70
C ALA A 50 9.70 -9.61 11.06
N SER A 51 10.23 -9.75 12.26
CA SER A 51 11.33 -8.85 12.72
C SER A 51 12.62 -9.60 12.99
N ARG A 52 12.61 -10.92 12.85
CA ARG A 52 13.74 -11.76 13.30
C ARG A 52 13.88 -12.88 12.30
N ASP A 53 15.09 -13.32 12.09
CA ASP A 53 15.36 -14.56 11.35
C ASP A 53 14.42 -15.65 11.90
N LYS A 54 13.82 -16.37 10.96
CA LYS A 54 13.11 -17.67 11.09
C LYS A 54 11.74 -17.41 11.71
N GLU A 55 11.32 -16.16 11.79
CA GLU A 55 9.98 -15.81 12.30
C GLU A 55 9.03 -15.96 11.13
N LYS A 56 7.90 -16.61 11.34
CA LYS A 56 6.82 -16.75 10.36
C LYS A 56 5.79 -15.67 10.66
N GLY A 57 5.53 -14.75 9.75
CA GLY A 57 4.32 -13.89 9.83
C GLY A 57 3.17 -14.56 9.09
N SER A 58 1.95 -14.25 9.49
CA SER A 58 0.72 -14.83 8.88
C SER A 58 -0.48 -13.96 9.18
N SER A 59 -1.44 -13.98 8.27
CA SER A 59 -2.76 -13.36 8.37
C SER A 59 -3.59 -13.88 7.19
N ARG A 60 -4.86 -14.17 7.45
CA ARG A 60 -5.85 -14.48 6.39
C ARG A 60 -5.41 -15.71 5.62
N GLY A 61 -4.75 -16.66 6.27
CA GLY A 61 -4.33 -17.91 5.63
C GLY A 61 -3.03 -17.78 4.84
N PHE A 62 -2.39 -16.62 4.84
CA PHE A 62 -1.10 -16.43 4.15
C PHE A 62 0.02 -16.49 5.16
N GLU A 63 1.22 -16.94 4.76
CA GLU A 63 2.39 -16.87 5.65
C GLU A 63 3.63 -16.52 4.83
N ALA A 64 4.67 -16.08 5.50
CA ALA A 64 6.03 -15.97 4.94
C ALA A 64 7.00 -16.10 6.10
N THR A 65 8.13 -16.76 5.89
CA THR A 65 9.18 -16.87 6.94
C THR A 65 10.36 -15.97 6.61
N TYR A 66 10.84 -15.19 7.55
CA TYR A 66 12.08 -14.40 7.39
C TYR A 66 13.28 -15.35 7.23
N ASN A 67 13.94 -15.30 6.09
CA ASN A 67 15.10 -16.17 5.83
C ASN A 67 16.29 -15.30 5.47
N LYS A 68 17.11 -15.02 6.48
CA LYS A 68 18.25 -14.09 6.34
C LYS A 68 19.31 -14.75 5.49
N GLU A 69 19.41 -16.07 5.54
CA GLU A 69 20.45 -16.81 4.81
C GLU A 69 20.21 -16.64 3.30
N THR A 70 18.96 -16.69 2.84
CA THR A 70 18.59 -16.50 1.41
C THR A 70 17.98 -15.11 1.21
N THR A 71 18.05 -14.24 2.21
CA THR A 71 17.38 -12.93 2.17
C THR A 71 16.10 -13.10 1.38
N SER A 72 15.21 -13.91 1.91
CA SER A 72 13.91 -14.33 1.33
C SER A 72 12.80 -14.00 2.32
N PHE A 73 11.61 -13.79 1.78
CA PHE A 73 10.39 -13.59 2.57
C PHE A 73 9.23 -13.95 1.65
N HIS A 74 9.25 -15.18 1.15
CA HIS A 74 8.35 -15.68 0.10
C HIS A 74 6.97 -15.88 0.72
N LEU A 75 5.95 -15.30 0.10
CA LEU A 75 4.55 -15.34 0.58
C LEU A 75 3.94 -16.60 0.01
N GLN A 76 3.23 -17.33 0.87
CA GLN A 76 2.61 -18.58 0.44
C GLN A 76 1.19 -18.63 0.97
N LYS A 77 0.35 -19.33 0.22
CA LYS A 77 -0.95 -19.84 0.73
C LYS A 77 -1.25 -21.21 0.11
N ALA A 78 -1.66 -22.15 0.96
CA ALA A 78 -1.96 -23.53 0.56
C ALA A 78 -3.12 -23.56 -0.44
N SER A 79 -4.16 -22.80 -0.15
CA SER A 79 -5.45 -22.85 -0.86
C SER A 79 -5.99 -21.44 -1.02
N VAL A 80 -5.80 -20.86 -2.22
CA VAL A 80 -6.33 -19.49 -2.49
C VAL A 80 -7.85 -19.51 -2.77
N GLN A 81 -8.46 -18.33 -2.57
CA GLN A 81 -9.88 -18.03 -2.82
C GLN A 81 -9.94 -16.92 -3.86
N GLU A 82 -11.07 -16.75 -4.53
CA GLU A 82 -11.28 -15.65 -5.50
C GLU A 82 -11.06 -14.29 -4.78
N SER A 83 -11.53 -14.18 -3.54
CA SER A 83 -11.38 -12.97 -2.69
C SER A 83 -9.90 -12.61 -2.35
N ASP A 84 -8.93 -13.49 -2.61
CA ASP A 84 -7.48 -13.17 -2.51
C ASP A 84 -7.02 -12.36 -3.72
N SER A 85 -7.87 -12.17 -4.75
CA SER A 85 -7.45 -11.48 -5.99
C SER A 85 -7.09 -10.05 -5.63
N ALA A 86 -5.89 -9.62 -6.03
CA ALA A 86 -5.29 -8.42 -5.47
C ALA A 86 -3.87 -8.24 -5.93
N VAL A 87 -3.28 -7.14 -5.51
CA VAL A 87 -1.81 -6.91 -5.64
C VAL A 87 -1.11 -6.96 -4.30
N TYR A 88 -0.10 -7.83 -4.19
CA TYR A 88 0.71 -8.08 -2.96
C TYR A 88 2.08 -7.44 -3.15
N TYR A 89 2.42 -6.65 -2.16
CA TYR A 89 3.67 -5.88 -2.11
C TYR A 89 4.51 -6.39 -0.94
N CYS A 90 5.77 -6.69 -1.20
CA CYS A 90 6.77 -7.01 -0.18
C CYS A 90 7.45 -5.69 0.21
N ALA A 91 7.73 -5.46 1.49
CA ALA A 91 8.39 -4.23 1.94
C ALA A 91 9.51 -4.55 2.94
N LEU A 92 10.58 -3.81 2.78
CA LEU A 92 11.77 -3.77 3.65
C LEU A 92 11.65 -2.53 4.57
N GLY A 93 11.64 -2.72 5.88
CA GLY A 93 11.84 -1.65 6.86
C GLY A 93 13.24 -1.07 6.75
N ASP A 94 13.47 0.06 7.35
CA ASP A 94 14.72 0.82 7.13
C ASP A 94 15.73 0.01 7.91
N PRO A 95 16.81 -0.43 7.26
CA PRO A 95 17.83 -1.23 7.91
C PRO A 95 19.10 -0.55 8.47
N THR A 96 19.21 0.77 8.39
CA THR A 96 20.46 1.56 8.67
C THR A 96 20.48 1.86 10.16
N GLY A 97 19.31 1.80 10.80
CA GLY A 97 19.15 2.03 12.24
C GLY A 97 18.75 3.47 12.48
N ALA A 98 18.76 4.26 11.40
CA ALA A 98 18.35 5.67 11.35
C ALA A 98 16.81 5.79 11.38
N ASN A 99 16.05 4.77 10.99
CA ASN A 99 14.58 4.72 11.27
C ASN A 99 13.89 5.98 10.71
N THR A 100 14.19 6.28 9.45
CA THR A 100 13.77 7.50 8.72
C THR A 100 12.28 7.39 8.39
N GLY A 101 11.73 6.19 8.44
CA GLY A 101 10.35 5.89 8.09
C GLY A 101 10.23 5.23 6.74
N LYS A 102 11.28 5.20 5.94
CA LYS A 102 11.18 4.74 4.54
C LYS A 102 10.82 3.26 4.56
N LEU A 103 9.72 2.93 3.92
CA LEU A 103 9.53 1.54 3.48
C LEU A 103 10.01 1.43 2.03
N THR A 104 10.66 0.33 1.69
CA THR A 104 11.14 0.06 0.31
C THR A 104 10.25 -1.05 -0.17
N PHE A 105 9.49 -0.83 -1.24
CA PHE A 105 8.43 -1.75 -1.67
C PHE A 105 8.92 -2.45 -2.92
N GLY A 106 8.77 -3.78 -3.05
CA GLY A 106 8.91 -4.44 -4.34
C GLY A 106 7.89 -3.92 -5.36
N HIS A 107 8.02 -4.30 -6.63
CA HIS A 107 7.22 -3.81 -7.79
C HIS A 107 5.75 -4.22 -7.66
N GLY A 108 5.41 -5.12 -6.75
CA GLY A 108 4.04 -5.63 -6.61
C GLY A 108 3.84 -6.85 -7.48
N THR A 109 2.94 -7.72 -7.06
CA THR A 109 2.55 -8.89 -7.84
C THR A 109 1.05 -8.99 -7.94
N ILE A 110 0.55 -9.03 -9.17
CA ILE A 110 -0.91 -9.10 -9.38
C ILE A 110 -1.31 -10.57 -9.30
N LEU A 111 -2.18 -10.88 -8.35
CA LEU A 111 -2.78 -12.23 -8.23
C LEU A 111 -4.25 -12.17 -8.70
N ARG A 112 -4.53 -12.91 -9.76
CA ARG A 112 -5.89 -13.15 -10.28
C ARG A 112 -6.25 -14.59 -9.94
N VAL A 113 -7.22 -14.81 -9.05
CA VAL A 113 -7.76 -16.17 -8.79
C VAL A 113 -9.07 -16.33 -9.59
N HIS A 114 -9.13 -17.30 -10.50
CA HIS A 114 -10.27 -17.73 -11.37
C HIS A 114 -11.11 -18.77 -10.63
N PRO A 115 -12.46 -18.68 -10.66
CA PRO A 115 -13.32 -19.71 -10.02
C PRO A 115 -13.33 -21.03 -10.79
N ASN A 116 -13.70 -22.16 -10.16
CA ASN A 116 -13.87 -23.45 -10.89
C ASN A 116 -15.30 -23.49 -11.44
N ILE A 117 -15.51 -23.30 -12.75
CA ILE A 117 -16.90 -23.20 -13.26
C ILE A 117 -17.42 -24.61 -13.59
N GLN A 118 -18.42 -25.04 -12.81
CA GLN A 118 -18.87 -26.46 -12.69
C GLN A 118 -19.58 -26.93 -13.97
N ASN A 119 -20.38 -26.07 -14.63
CA ASN A 119 -21.23 -26.46 -15.80
C ASN A 119 -21.01 -25.49 -16.95
N PRO A 120 -19.81 -25.49 -17.58
CA PRO A 120 -19.55 -24.62 -18.73
C PRO A 120 -20.57 -24.82 -19.85
N ASP A 121 -20.77 -23.78 -20.68
CA ASP A 121 -21.80 -23.75 -21.75
C ASP A 121 -21.46 -22.60 -22.70
N PRO A 122 -20.25 -22.59 -23.30
CA PRO A 122 -19.80 -21.44 -24.07
C PRO A 122 -20.77 -21.15 -25.22
N ALA A 123 -20.89 -19.87 -25.57
CA ALA A 123 -21.81 -19.33 -26.61
C ALA A 123 -21.36 -17.94 -27.02
N VAL A 124 -21.81 -17.45 -28.18
CA VAL A 124 -21.57 -16.04 -28.59
C VAL A 124 -22.89 -15.47 -29.10
N TYR A 125 -23.51 -14.65 -28.25
CA TYR A 125 -24.82 -14.02 -28.48
C TYR A 125 -24.56 -12.64 -29.06
N GLN A 126 -25.54 -12.17 -29.83
CA GLN A 126 -25.63 -10.77 -30.30
C GLN A 126 -26.62 -10.04 -29.38
N LEU A 127 -26.27 -8.81 -28.97
CA LEU A 127 -27.14 -7.91 -28.17
C LEU A 127 -27.31 -6.59 -28.94
N ARG A 128 -28.54 -6.06 -29.01
CA ARG A 128 -28.85 -4.80 -29.73
C ARG A 128 -28.94 -3.63 -28.74
N ASP A 129 -28.54 -2.42 -29.15
CA ASP A 129 -28.66 -1.17 -28.35
C ASP A 129 -30.14 -0.96 -27.99
N SER A 130 -30.45 -0.67 -26.72
CA SER A 130 -31.80 -0.35 -26.21
C SER A 130 -32.40 0.89 -26.88
N LYS A 131 -31.58 1.81 -27.39
CA LYS A 131 -31.97 3.13 -27.97
C LYS A 131 -32.14 2.99 -29.50
N SER A 132 -32.82 1.91 -29.93
CA SER A 132 -32.81 1.40 -31.32
C SER A 132 -31.40 1.62 -31.90
N SER A 133 -31.28 2.21 -33.08
CA SER A 133 -29.99 2.32 -33.83
C SER A 133 -29.54 0.94 -34.27
N ASP A 134 -28.59 0.94 -35.20
CA ASP A 134 -28.04 -0.27 -35.86
C ASP A 134 -26.77 -0.68 -35.12
N LYS A 135 -26.57 -0.15 -33.90
CA LYS A 135 -25.41 -0.44 -33.00
C LYS A 135 -25.64 -1.76 -32.26
N SER A 136 -24.62 -2.63 -32.19
CA SER A 136 -24.73 -3.96 -31.53
C SER A 136 -23.39 -4.41 -30.87
N VAL A 137 -23.41 -5.48 -30.09
CA VAL A 137 -22.19 -5.98 -29.40
C VAL A 137 -22.21 -7.49 -29.49
N CYS A 138 -21.07 -8.12 -29.18
CA CYS A 138 -20.92 -9.59 -29.11
C CYS A 138 -20.52 -10.03 -27.72
N LEU A 139 -21.31 -10.94 -27.14
CA LEU A 139 -21.07 -11.49 -25.78
C LEU A 139 -20.49 -12.91 -25.90
N PHE A 140 -19.19 -13.06 -25.69
CA PHE A 140 -18.59 -14.40 -25.47
C PHE A 140 -18.77 -14.71 -23.98
N THR A 141 -19.55 -15.73 -23.63
CA THR A 141 -19.87 -16.03 -22.21
C THR A 141 -19.97 -17.53 -22.00
N ASP A 142 -19.88 -17.96 -20.74
CA ASP A 142 -20.22 -19.30 -20.19
C ASP A 142 -19.09 -20.34 -20.42
N PHE A 143 -17.92 -19.88 -20.89
CA PHE A 143 -16.69 -20.66 -21.12
C PHE A 143 -15.92 -20.89 -19.81
N ASP A 144 -15.17 -22.00 -19.73
CA ASP A 144 -14.42 -22.50 -18.53
C ASP A 144 -13.29 -21.51 -18.22
N SER A 145 -12.73 -21.59 -17.02
CA SER A 145 -11.76 -20.60 -16.45
C SER A 145 -10.38 -20.64 -17.15
N GLN A 146 -10.07 -21.78 -17.80
CA GLN A 146 -8.77 -22.08 -18.46
C GLN A 146 -8.76 -21.57 -19.92
N THR A 147 -9.91 -21.16 -20.47
CA THR A 147 -10.00 -20.40 -21.75
C THR A 147 -9.42 -19.01 -21.52
N ASN A 148 -8.80 -18.43 -22.54
CA ASN A 148 -8.17 -17.08 -22.53
C ASN A 148 -8.63 -16.32 -23.79
N VAL A 149 -8.74 -14.99 -23.69
CA VAL A 149 -9.32 -14.07 -24.70
C VAL A 149 -8.25 -13.04 -25.10
N SER A 150 -7.72 -13.16 -26.31
CA SER A 150 -6.70 -12.22 -26.86
C SER A 150 -7.43 -11.19 -27.74
N GLN A 151 -6.75 -10.09 -28.04
CA GLN A 151 -7.31 -8.91 -28.76
C GLN A 151 -7.64 -9.33 -30.19
N SER A 152 -8.02 -8.35 -31.02
CA SER A 152 -8.20 -8.51 -32.49
C SER A 152 -6.85 -8.32 -33.18
N LYS A 153 -6.74 -8.68 -34.46
CA LYS A 153 -5.63 -8.30 -35.37
C LYS A 153 -5.95 -6.90 -35.92
N ASP A 154 -7.16 -6.70 -36.45
CA ASP A 154 -7.75 -5.36 -36.76
C ASP A 154 -7.67 -4.51 -35.49
N SER A 155 -7.40 -3.20 -35.62
CA SER A 155 -7.35 -2.23 -34.49
C SER A 155 -8.64 -1.39 -34.43
N ASP A 156 -9.53 -1.54 -35.42
CA ASP A 156 -10.85 -0.87 -35.46
C ASP A 156 -11.93 -1.74 -34.76
N VAL A 157 -11.61 -2.98 -34.33
CA VAL A 157 -12.55 -3.89 -33.61
C VAL A 157 -12.01 -4.22 -32.21
N TYR A 158 -12.68 -3.64 -31.20
CA TYR A 158 -12.31 -3.63 -29.76
C TYR A 158 -12.92 -4.83 -29.04
N ILE A 159 -12.13 -5.36 -28.10
CA ILE A 159 -12.37 -6.68 -27.45
C ILE A 159 -11.75 -6.60 -26.06
N THR A 160 -12.50 -7.04 -25.03
CA THR A 160 -12.21 -6.78 -23.59
C THR A 160 -11.79 -8.08 -22.93
N ASP A 161 -11.03 -7.98 -21.85
CA ASP A 161 -10.57 -9.14 -21.05
C ASP A 161 -11.81 -9.90 -20.53
N LYS A 162 -11.67 -11.22 -20.34
CA LYS A 162 -12.63 -12.02 -19.55
C LYS A 162 -12.95 -11.24 -18.27
N CYS A 163 -14.01 -11.63 -17.60
CA CYS A 163 -14.59 -10.91 -16.42
C CYS A 163 -15.56 -11.92 -15.79
N VAL A 164 -15.50 -12.11 -14.49
CA VAL A 164 -16.34 -13.08 -13.74
C VAL A 164 -17.41 -12.29 -12.98
N LEU A 165 -18.68 -12.55 -13.28
CA LEU A 165 -19.81 -12.13 -12.44
C LEU A 165 -20.28 -13.34 -11.61
N ASP A 166 -20.83 -13.02 -10.44
CA ASP A 166 -21.38 -13.95 -9.44
C ASP A 166 -22.85 -13.56 -9.19
N MET A 167 -23.80 -14.41 -9.59
CA MET A 167 -25.24 -14.27 -9.27
C MET A 167 -25.50 -14.89 -7.89
N ARG A 168 -25.34 -14.12 -6.82
CA ARG A 168 -25.14 -14.65 -5.44
C ARG A 168 -26.35 -15.49 -5.07
N SER A 169 -27.56 -14.95 -5.30
CA SER A 169 -28.84 -15.61 -4.95
C SER A 169 -28.90 -17.05 -5.51
N MET A 170 -28.43 -17.30 -6.75
CA MET A 170 -28.47 -18.68 -7.35
C MET A 170 -27.07 -19.27 -7.44
N ASP A 171 -26.22 -18.99 -6.45
CA ASP A 171 -24.82 -19.48 -6.29
C ASP A 171 -24.28 -19.98 -7.64
N PHE A 172 -24.11 -19.08 -8.59
CA PHE A 172 -23.71 -19.37 -9.99
C PHE A 172 -22.68 -18.33 -10.43
N LYS A 173 -21.60 -18.72 -11.09
CA LYS A 173 -20.62 -17.76 -11.66
C LYS A 173 -20.51 -18.03 -13.16
N SER A 174 -20.08 -17.03 -13.93
CA SER A 174 -19.90 -17.11 -15.39
C SER A 174 -18.82 -16.14 -15.83
N ASN A 175 -17.93 -16.57 -16.70
CA ASN A 175 -16.96 -15.66 -17.35
C ASN A 175 -17.65 -15.00 -18.52
N SER A 176 -17.13 -13.88 -18.99
CA SER A 176 -17.57 -13.28 -20.26
C SER A 176 -16.56 -12.26 -20.76
N ALA A 177 -16.54 -12.10 -22.08
CA ALA A 177 -15.83 -11.02 -22.76
C ALA A 177 -16.80 -10.40 -23.75
N VAL A 178 -16.55 -9.15 -24.05
CA VAL A 178 -17.42 -8.36 -24.95
C VAL A 178 -16.53 -7.89 -26.09
N ALA A 179 -17.15 -7.84 -27.26
CA ALA A 179 -16.51 -7.48 -28.54
C ALA A 179 -17.50 -6.66 -29.34
N TRP A 180 -17.02 -5.54 -29.87
CA TRP A 180 -17.83 -4.56 -30.60
C TRP A 180 -16.92 -3.73 -31.51
N SER A 181 -17.43 -3.36 -32.69
CA SER A 181 -16.77 -2.45 -33.66
C SER A 181 -17.83 -1.78 -34.53
N ASN A 182 -17.40 -0.93 -35.46
CA ASN A 182 -18.29 -0.13 -36.35
C ASN A 182 -18.00 -0.45 -37.82
N LYS A 183 -17.36 -1.60 -38.11
CA LYS A 183 -16.65 -1.86 -39.40
C LYS A 183 -17.66 -2.27 -40.49
N SER A 184 -18.94 -2.48 -40.13
CA SER A 184 -20.05 -2.87 -41.05
C SER A 184 -19.85 -4.32 -41.54
N ASP A 185 -18.58 -4.71 -41.77
CA ASP A 185 -18.15 -6.11 -42.01
C ASP A 185 -17.95 -6.86 -40.69
N PHE A 186 -18.35 -6.27 -39.54
CA PHE A 186 -18.22 -6.92 -38.22
C PHE A 186 -19.24 -8.07 -38.13
N ALA A 187 -18.82 -9.17 -37.51
CA ALA A 187 -19.58 -10.45 -37.42
C ALA A 187 -19.36 -11.06 -36.04
N CYS A 188 -20.43 -11.50 -35.37
CA CYS A 188 -20.35 -12.20 -34.05
C CYS A 188 -19.71 -13.59 -34.30
N ALA A 189 -20.16 -14.31 -35.34
CA ALA A 189 -19.58 -15.60 -35.77
C ALA A 189 -18.04 -15.48 -35.89
N ASN A 190 -17.55 -14.40 -36.51
CA ASN A 190 -16.11 -14.22 -36.84
C ASN A 190 -15.60 -12.94 -36.14
N ALA A 191 -15.26 -13.06 -34.86
CA ALA A 191 -14.92 -11.91 -33.98
C ALA A 191 -14.02 -12.35 -32.82
N PHE A 192 -14.00 -13.64 -32.48
CA PHE A 192 -13.08 -14.25 -31.48
C PHE A 192 -12.22 -15.34 -32.14
N ASN A 193 -12.30 -15.49 -33.46
CA ASN A 193 -11.33 -16.24 -34.30
C ASN A 193 -9.91 -15.98 -33.75
N ASN A 194 -9.50 -14.70 -33.63
CA ASN A 194 -8.16 -14.26 -33.13
C ASN A 194 -8.00 -14.68 -31.66
N SER A 195 -8.86 -15.59 -31.17
CA SER A 195 -8.89 -16.17 -29.80
C SER A 195 -9.05 -17.68 -29.93
N ILE A 196 -8.45 -18.44 -29.00
CA ILE A 196 -8.59 -19.93 -28.98
C ILE A 196 -9.90 -20.26 -28.25
N ILE A 197 -11.00 -20.11 -29.01
CA ILE A 197 -12.42 -20.50 -28.68
C ILE A 197 -12.40 -21.96 -28.28
N PRO A 198 -13.34 -22.50 -27.47
CA PRO A 198 -13.69 -23.92 -27.56
C PRO A 198 -14.27 -24.29 -28.93
N GLU A 199 -14.30 -25.60 -29.23
CA GLU A 199 -14.97 -26.21 -30.41
C GLU A 199 -16.46 -26.36 -30.08
N ASP A 200 -16.78 -26.36 -28.78
CA ASP A 200 -18.09 -26.78 -28.20
C ASP A 200 -19.12 -25.64 -28.23
N THR A 201 -18.69 -24.39 -28.50
CA THR A 201 -19.48 -23.13 -28.37
C THR A 201 -20.83 -23.23 -29.09
N PHE A 202 -21.72 -22.30 -28.79
CA PHE A 202 -23.00 -22.07 -29.50
C PHE A 202 -22.83 -20.82 -30.38
N PHE A 203 -23.52 -20.77 -31.51
CA PHE A 203 -23.36 -19.69 -32.52
C PHE A 203 -24.67 -19.44 -33.23
N PRO A 204 -25.69 -18.93 -32.53
CA PRO A 204 -27.07 -19.02 -33.01
C PRO A 204 -27.24 -18.24 -34.33
N SER A 205 -28.38 -18.42 -34.99
CA SER A 205 -28.85 -17.58 -36.12
C SER A 205 -29.78 -16.48 -35.57
N MET B 1 -12.75 4.42 13.63
CA MET B 1 -13.21 4.02 12.28
C MET B 1 -12.13 4.48 11.27
N THR B 2 -12.37 5.56 10.51
CA THR B 2 -11.44 6.14 9.50
C THR B 2 -10.33 6.89 10.23
N LEU B 3 -9.07 6.61 9.90
CA LEU B 3 -7.95 7.25 10.62
C LEU B 3 -7.56 8.57 9.94
N LEU B 4 -7.69 8.69 8.63
CA LEU B 4 -7.13 9.86 7.88
C LEU B 4 -8.15 10.39 6.86
N GLU B 5 -8.16 11.71 6.62
CA GLU B 5 -8.95 12.38 5.54
C GLU B 5 -7.91 12.99 4.57
N GLN B 6 -8.18 12.88 3.29
CA GLN B 6 -7.29 13.48 2.27
C GLN B 6 -8.15 14.41 1.40
N ASN B 7 -7.64 15.58 1.05
CA ASN B 7 -8.28 16.40 -0.01
C ASN B 7 -7.19 17.01 -0.86
N PRO B 8 -7.47 17.20 -2.16
CA PRO B 8 -8.69 16.66 -2.78
C PRO B 8 -8.65 15.15 -3.02
N ARG B 9 -9.80 14.50 -3.22
CA ARG B 9 -9.87 13.08 -3.67
C ARG B 9 -9.23 12.94 -5.03
N TRP B 10 -9.50 13.88 -5.93
CA TRP B 10 -8.98 13.79 -7.31
C TRP B 10 -8.85 15.21 -7.85
N ARG B 11 -8.22 15.36 -8.99
CA ARG B 11 -7.88 16.68 -9.51
C ARG B 11 -7.28 16.41 -10.88
N LEU B 12 -7.77 17.15 -11.84
CA LEU B 12 -7.23 17.19 -13.20
C LEU B 12 -6.18 18.31 -13.26
N VAL B 13 -4.96 17.98 -13.66
CA VAL B 13 -3.80 18.93 -13.54
C VAL B 13 -3.18 19.15 -14.92
N PRO B 14 -3.31 20.36 -15.50
CA PRO B 14 -2.58 20.73 -16.71
C PRO B 14 -1.08 20.52 -16.48
N ARG B 15 -0.36 19.98 -17.49
CA ARG B 15 1.10 19.72 -17.41
C ARG B 15 1.79 21.00 -16.93
N GLY B 16 2.73 20.87 -15.98
CA GLY B 16 3.55 21.97 -15.44
C GLY B 16 2.92 22.62 -14.22
N GLN B 17 1.60 22.48 -14.04
CA GLN B 17 0.84 23.17 -12.97
C GLN B 17 1.09 22.45 -11.61
N ALA B 18 0.80 23.17 -10.53
CA ALA B 18 1.02 22.78 -9.12
C ALA B 18 -0.33 22.44 -8.46
N VAL B 19 -0.35 21.52 -7.48
CA VAL B 19 -1.60 21.21 -6.76
C VAL B 19 -1.28 21.06 -5.26
N ASN B 20 -2.18 21.54 -4.40
CA ASN B 20 -2.03 21.39 -2.93
C ASN B 20 -2.89 20.23 -2.39
N LEU B 21 -2.27 19.35 -1.64
CA LEU B 21 -2.90 18.19 -1.04
C LEU B 21 -2.85 18.45 0.45
N ARG B 22 -3.89 18.00 1.14
CA ARG B 22 -3.93 18.05 2.61
C ARG B 22 -4.31 16.67 3.16
N CYS B 23 -3.79 16.32 4.32
CA CYS B 23 -4.12 15.07 5.03
C CYS B 23 -4.39 15.36 6.50
N ILE B 24 -5.55 14.92 7.01
CA ILE B 24 -5.96 15.15 8.42
C ILE B 24 -5.92 13.83 9.20
N LEU B 25 -5.22 13.84 10.30
CA LEU B 25 -5.15 12.70 11.22
C LEU B 25 -6.34 12.77 12.16
N LYS B 26 -7.17 11.74 12.13
CA LYS B 26 -8.39 11.58 12.97
C LYS B 26 -8.10 10.91 14.32
N ASN B 27 -6.89 10.41 14.59
CA ASN B 27 -6.62 9.68 15.84
C ASN B 27 -5.16 9.86 16.23
N SER B 28 -4.85 10.43 17.37
CA SER B 28 -3.47 10.81 17.79
C SER B 28 -2.68 9.61 18.35
N GLN B 29 -3.28 8.42 18.32
CA GLN B 29 -2.60 7.13 18.63
C GLN B 29 -1.51 6.90 17.55
N TYR B 30 -1.74 7.43 16.35
CA TYR B 30 -0.96 7.21 15.12
C TYR B 30 -0.40 8.56 14.70
N PRO B 31 0.46 9.22 15.51
CA PRO B 31 0.95 10.57 15.19
C PRO B 31 2.02 10.70 14.10
N TRP B 32 2.70 9.60 13.73
CA TRP B 32 3.73 9.61 12.64
C TRP B 32 2.94 9.58 11.34
N MET B 33 3.28 10.47 10.41
CA MET B 33 2.50 10.60 9.16
C MET B 33 3.49 10.66 7.98
N SER B 34 3.18 9.94 6.90
CA SER B 34 4.03 9.78 5.71
C SER B 34 3.28 10.14 4.44
N TRP B 35 4.03 10.47 3.40
CA TRP B 35 3.53 10.51 2.00
C TRP B 35 4.21 9.40 1.21
N TYR B 36 3.44 8.69 0.37
CA TYR B 36 3.86 7.69 -0.66
C TYR B 36 3.23 8.07 -2.00
N GLN B 37 3.95 7.95 -3.11
CA GLN B 37 3.33 8.04 -4.46
C GLN B 37 3.01 6.61 -4.95
N GLN B 38 1.98 6.47 -5.75
CA GLN B 38 1.84 5.31 -6.65
C GLN B 38 1.82 5.83 -8.07
N ASP B 39 2.80 5.46 -8.88
CA ASP B 39 2.77 5.87 -10.29
C ASP B 39 1.86 4.96 -11.09
N LEU B 40 1.73 5.28 -12.36
CA LEU B 40 0.76 4.59 -13.25
C LEU B 40 1.22 3.15 -13.49
N GLN B 41 2.46 2.80 -13.16
CA GLN B 41 2.97 1.40 -13.24
C GLN B 41 2.69 0.70 -11.90
N LYS B 42 1.92 1.33 -11.01
CA LYS B 42 1.53 0.82 -9.69
C LYS B 42 2.71 0.70 -8.72
N GLN B 43 3.85 1.34 -8.98
CA GLN B 43 5.01 1.35 -8.05
C GLN B 43 4.78 2.35 -6.91
N LEU B 44 5.00 1.87 -5.70
CA LEU B 44 4.89 2.61 -4.42
C LEU B 44 6.29 3.06 -4.08
N GLN B 45 6.41 4.34 -3.77
CA GLN B 45 7.66 4.94 -3.35
C GLN B 45 7.42 5.88 -2.17
N TRP B 46 8.22 5.71 -1.12
CA TRP B 46 8.18 6.60 0.06
C TRP B 46 8.62 8.02 -0.34
N LEU B 47 7.94 9.03 0.14
CA LEU B 47 8.36 10.42 -0.15
C LEU B 47 8.92 11.07 1.13
N PHE B 48 8.17 10.96 2.21
CA PHE B 48 8.48 11.63 3.48
C PHE B 48 7.77 10.94 4.63
N THR B 49 8.46 10.91 5.76
CA THR B 49 7.83 10.73 7.09
C THR B 49 8.15 11.98 7.92
N LEU B 50 7.14 12.71 8.42
CA LEU B 50 7.27 14.00 9.16
C LEU B 50 6.46 13.95 10.47
N ARG B 51 7.09 14.16 11.63
CA ARG B 51 6.46 13.95 12.97
C ARG B 51 6.06 15.30 13.57
N SER B 52 6.93 16.30 13.58
CA SER B 52 6.79 17.57 14.36
C SER B 52 6.12 18.64 13.53
N PRO B 53 5.19 19.42 14.11
CA PRO B 53 4.79 20.69 13.53
C PRO B 53 6.00 21.56 13.20
N GLY B 54 6.05 22.12 12.00
CA GLY B 54 7.22 22.88 11.53
C GLY B 54 8.16 22.09 10.62
N ASP B 55 8.25 20.76 10.70
CA ASP B 55 9.07 19.97 9.74
C ASP B 55 8.57 20.23 8.31
N LYS B 56 9.47 20.70 7.44
CA LYS B 56 9.30 21.01 6.00
C LYS B 56 10.37 20.20 5.21
N GLU B 57 10.03 19.36 4.23
CA GLU B 57 11.06 18.63 3.45
C GLU B 57 10.69 18.66 1.97
N VAL B 58 11.67 18.38 1.16
CA VAL B 58 11.64 18.66 -0.29
C VAL B 58 12.30 17.47 -1.02
N LYS B 59 11.71 17.01 -2.14
CA LYS B 59 12.17 15.85 -2.94
C LYS B 59 11.75 16.08 -4.38
N SER B 60 12.50 15.52 -5.30
CA SER B 60 12.25 15.54 -6.75
C SER B 60 12.28 14.10 -7.26
N LEU B 61 11.20 13.55 -7.81
CA LEU B 61 11.21 12.22 -8.47
C LEU B 61 10.75 12.42 -9.90
N PRO B 62 11.02 11.45 -10.80
CA PRO B 62 10.46 11.52 -12.14
C PRO B 62 8.96 11.83 -12.04
N GLY B 63 8.51 12.84 -12.77
CA GLY B 63 7.08 13.14 -12.91
C GLY B 63 6.57 14.21 -11.97
N ALA B 64 7.22 14.48 -10.85
CA ALA B 64 6.68 15.48 -9.91
C ALA B 64 7.75 15.90 -8.95
N ASP B 65 7.72 17.18 -8.56
CA ASP B 65 8.54 17.70 -7.43
C ASP B 65 7.62 17.90 -6.21
N TYR B 66 8.13 17.79 -4.99
CA TYR B 66 7.29 17.78 -3.79
C TYR B 66 7.86 18.62 -2.67
N LEU B 67 6.97 19.33 -2.00
CA LEU B 67 7.22 20.00 -0.70
C LEU B 67 6.18 19.47 0.26
N ALA B 68 6.66 18.81 1.29
CA ALA B 68 5.84 18.23 2.34
C ALA B 68 6.05 19.07 3.58
N THR B 69 4.96 19.33 4.30
CA THR B 69 4.98 20.15 5.53
C THR B 69 4.07 19.49 6.56
N ARG B 70 4.63 19.15 7.73
CA ARG B 70 3.83 18.85 8.94
C ARG B 70 3.41 20.17 9.62
N VAL B 71 2.15 20.55 9.49
CA VAL B 71 1.64 21.90 9.89
C VAL B 71 1.22 21.89 11.38
N THR B 72 0.43 20.91 11.82
CA THR B 72 0.03 20.73 13.25
C THR B 72 0.15 19.24 13.60
N ASP B 73 -0.10 18.90 14.86
CA ASP B 73 -0.16 17.51 15.33
C ASP B 73 -1.17 16.72 14.50
N THR B 74 -2.04 17.34 13.69
CA THR B 74 -3.09 16.56 12.99
C THR B 74 -3.12 16.88 11.51
N GLU B 75 -2.23 17.73 11.01
CA GLU B 75 -2.33 18.17 9.59
C GLU B 75 -1.00 18.02 8.85
N LEU B 76 -1.05 17.27 7.75
CA LEU B 76 0.08 17.07 6.83
C LEU B 76 -0.26 17.68 5.47
N ARG B 77 0.60 18.53 4.93
CA ARG B 77 0.42 19.11 3.58
C ARG B 77 1.49 18.56 2.59
N LEU B 78 1.13 18.58 1.31
CA LEU B 78 2.01 18.19 0.20
C LEU B 78 1.68 19.13 -0.93
N GLN B 79 2.71 19.79 -1.44
CA GLN B 79 2.57 20.60 -2.67
C GLN B 79 3.18 19.77 -3.78
N VAL B 80 2.45 19.53 -4.87
CA VAL B 80 3.07 18.79 -5.99
C VAL B 80 3.15 19.72 -7.21
N ALA B 81 4.39 19.91 -7.64
CA ALA B 81 4.76 20.98 -8.58
C ALA B 81 5.36 20.35 -9.81
N ASN B 82 5.30 21.07 -10.92
CA ASN B 82 6.01 20.70 -12.17
C ASN B 82 5.54 19.30 -12.60
N MET B 83 4.27 18.98 -12.40
CA MET B 83 3.72 17.64 -12.65
C MET B 83 3.79 17.31 -14.12
N SER B 84 4.43 16.19 -14.45
CA SER B 84 4.53 15.79 -15.87
C SER B 84 3.85 14.44 -16.09
N GLN B 85 3.61 13.67 -15.03
CA GLN B 85 3.04 12.30 -15.14
C GLN B 85 2.10 12.09 -13.94
N GLY B 86 0.91 11.61 -14.22
CA GLY B 86 -0.11 11.29 -13.22
C GLY B 86 0.43 10.32 -12.19
N ARG B 87 -0.11 10.40 -10.97
CA ARG B 87 0.19 9.50 -9.83
C ARG B 87 -0.96 9.55 -8.83
N THR B 88 -1.04 8.59 -7.95
CA THR B 88 -1.84 8.77 -6.71
C THR B 88 -0.91 9.05 -5.53
N LEU B 89 -1.31 9.96 -4.63
CA LEU B 89 -0.58 10.27 -3.39
C LEU B 89 -1.41 9.74 -2.22
N TYR B 90 -0.83 8.84 -1.43
CA TYR B 90 -1.41 8.34 -0.17
C TYR B 90 -0.69 9.00 0.97
N CYS B 91 -1.45 9.59 1.85
CA CYS B 91 -0.99 9.94 3.20
C CYS B 91 -0.91 8.60 3.93
N THR B 92 -0.03 8.39 4.89
CA THR B 92 -0.19 7.19 5.75
C THR B 92 0.04 7.61 7.18
N CYS B 93 -0.36 6.79 8.14
CA CYS B 93 0.04 7.09 9.53
C CYS B 93 0.49 5.82 10.24
N SER B 94 1.02 6.03 11.43
CA SER B 94 1.64 4.91 12.17
C SER B 94 1.79 5.28 13.64
N ALA B 95 1.72 4.31 14.53
CA ALA B 95 2.08 4.57 15.94
C ALA B 95 3.59 4.69 16.09
N GLY B 96 4.38 4.43 15.04
CA GLY B 96 5.85 4.36 15.18
C GLY B 96 6.51 5.10 14.05
N ARG B 97 7.81 5.28 14.20
CA ARG B 97 8.73 5.87 13.21
C ARG B 97 8.56 5.13 11.90
N GLY B 98 8.33 3.82 11.91
CA GLY B 98 7.93 3.07 10.69
C GLY B 98 8.93 1.99 10.26
N GLY B 99 10.03 1.85 10.99
CA GLY B 99 10.88 0.65 10.91
C GLY B 99 10.17 -0.57 11.46
N TYR B 100 9.08 -0.40 12.23
CA TYR B 100 8.46 -1.56 12.90
C TYR B 100 6.93 -1.49 12.86
N ALA B 101 6.34 -0.39 13.36
CA ALA B 101 4.89 -0.16 13.32
C ALA B 101 4.45 -0.06 11.87
N GLU B 102 3.29 -0.66 11.58
CA GLU B 102 2.71 -0.73 10.23
C GLU B 102 2.24 0.65 9.84
N GLN B 103 2.03 0.87 8.54
CA GLN B 103 1.43 2.11 8.01
C GLN B 103 -0.04 1.85 7.71
N PHE B 104 -0.90 2.80 8.10
CA PHE B 104 -2.32 2.83 7.70
C PHE B 104 -2.44 3.84 6.57
N PHE B 105 -2.90 3.39 5.42
CA PHE B 105 -3.02 4.19 4.19
C PHE B 105 -4.38 4.85 4.20
N GLY B 106 -4.41 6.15 3.96
CA GLY B 106 -5.64 6.90 3.67
C GLY B 106 -6.12 6.71 2.25
N PRO B 107 -7.20 7.42 1.92
CA PRO B 107 -7.98 7.10 0.72
C PRO B 107 -7.37 7.59 -0.58
N GLY B 108 -6.39 8.47 -0.48
CA GLY B 108 -5.56 8.81 -1.63
C GLY B 108 -6.09 9.97 -2.46
N THR B 109 -5.15 10.76 -3.01
CA THR B 109 -5.44 11.82 -3.98
C THR B 109 -4.97 11.34 -5.34
N ARG B 110 -5.88 11.21 -6.28
CA ARG B 110 -5.53 10.81 -7.65
C ARG B 110 -5.30 12.06 -8.51
N LEU B 111 -4.11 12.23 -9.07
CA LEU B 111 -3.73 13.38 -9.92
C LEU B 111 -3.63 12.88 -11.34
N THR B 112 -4.40 13.48 -12.21
CA THR B 112 -4.33 13.14 -13.65
C THR B 112 -3.68 14.34 -14.34
N VAL B 113 -2.76 14.02 -15.24
CA VAL B 113 -2.03 15.04 -16.04
C VAL B 113 -2.54 14.96 -17.46
N LEU B 114 -3.06 16.04 -18.03
CA LEU B 114 -3.25 16.07 -19.51
C LEU B 114 -2.49 17.25 -20.16
N GLU B 115 -1.75 16.95 -21.24
CA GLU B 115 -1.10 17.95 -22.13
C GLU B 115 -2.15 19.04 -22.39
N ASP B 116 -3.26 18.64 -23.04
CA ASP B 116 -4.23 19.54 -23.70
C ASP B 116 -5.62 19.32 -23.10
N LEU B 117 -6.32 20.43 -22.81
CA LEU B 117 -7.64 20.48 -22.13
C LEU B 117 -8.77 20.24 -23.14
N LYS B 118 -8.47 20.20 -24.44
CA LYS B 118 -9.49 19.97 -25.52
C LYS B 118 -9.27 18.56 -26.08
N ASN B 119 -8.75 17.68 -25.25
CA ASN B 119 -8.90 16.21 -25.46
C ASN B 119 -9.84 15.66 -24.39
N VAL B 120 -10.51 16.53 -23.61
CA VAL B 120 -11.50 16.15 -22.55
C VAL B 120 -12.90 15.99 -23.18
N PHE B 121 -13.46 14.79 -23.13
CA PHE B 121 -14.82 14.43 -23.61
C PHE B 121 -15.48 13.55 -22.57
N PRO B 122 -16.81 13.72 -22.35
CA PRO B 122 -17.56 12.80 -21.50
C PRO B 122 -17.64 11.46 -22.23
N PRO B 123 -18.02 10.36 -21.56
CA PRO B 123 -18.36 9.15 -22.29
C PRO B 123 -19.72 9.35 -22.95
N GLU B 124 -19.95 8.64 -24.05
CA GLU B 124 -21.32 8.23 -24.46
C GLU B 124 -21.61 6.87 -23.81
N VAL B 125 -22.79 6.69 -23.26
CA VAL B 125 -23.20 5.43 -22.60
C VAL B 125 -24.30 4.77 -23.41
N ALA B 126 -24.21 3.45 -23.63
CA ALA B 126 -25.29 2.67 -24.25
C ALA B 126 -25.50 1.36 -23.53
N VAL B 127 -26.75 0.91 -23.44
CA VAL B 127 -27.11 -0.40 -22.88
C VAL B 127 -27.64 -1.26 -24.02
N PHE B 128 -27.11 -2.47 -24.08
CA PHE B 128 -27.43 -3.52 -25.06
C PHE B 128 -28.23 -4.59 -24.33
N GLU B 129 -29.31 -5.05 -24.94
CA GLU B 129 -30.33 -5.88 -24.24
C GLU B 129 -29.96 -7.35 -24.41
N PRO B 130 -30.39 -8.22 -23.48
CA PRO B 130 -30.18 -9.65 -23.64
C PRO B 130 -30.69 -10.16 -25.01
N SER B 131 -29.84 -11.01 -25.64
CA SER B 131 -30.14 -11.91 -26.79
C SER B 131 -31.30 -12.85 -26.42
N GLU B 132 -32.24 -13.04 -27.34
CA GLU B 132 -33.32 -14.04 -27.12
C GLU B 132 -32.68 -15.44 -27.08
N ALA B 133 -31.65 -15.68 -27.89
CA ALA B 133 -30.90 -16.94 -27.95
C ALA B 133 -30.34 -17.31 -26.57
N GLU B 134 -29.77 -16.33 -25.86
CA GLU B 134 -29.22 -16.57 -24.49
C GLU B 134 -30.38 -16.95 -23.57
N ILE B 135 -31.49 -16.21 -23.61
CA ILE B 135 -32.66 -16.51 -22.74
C ILE B 135 -33.15 -17.95 -23.02
N SER B 136 -33.23 -18.36 -24.28
CA SER B 136 -33.63 -19.74 -24.67
C SER B 136 -32.64 -20.74 -24.10
N HIS B 137 -31.35 -20.51 -24.37
CA HIS B 137 -30.28 -21.51 -24.11
C HIS B 137 -30.04 -21.74 -22.60
N THR B 138 -30.26 -20.74 -21.72
CA THR B 138 -29.73 -20.70 -20.32
C THR B 138 -30.75 -20.37 -19.24
N GLN B 139 -31.90 -19.78 -19.61
CA GLN B 139 -32.88 -19.13 -18.67
C GLN B 139 -32.20 -17.98 -17.90
N LYS B 140 -31.22 -17.31 -18.50
CA LYS B 140 -30.53 -16.14 -17.92
C LYS B 140 -30.45 -15.08 -19.01
N ALA B 141 -30.37 -13.81 -18.60
CA ALA B 141 -30.31 -12.65 -19.51
C ALA B 141 -29.19 -11.72 -19.05
N THR B 142 -28.31 -11.42 -19.98
CA THR B 142 -27.16 -10.54 -19.73
C THR B 142 -27.41 -9.21 -20.44
N LEU B 143 -27.35 -8.11 -19.69
CA LEU B 143 -27.27 -6.74 -20.27
C LEU B 143 -25.78 -6.41 -20.37
N VAL B 144 -25.37 -5.64 -21.37
CA VAL B 144 -23.98 -5.13 -21.52
C VAL B 144 -24.11 -3.59 -21.57
N CYS B 145 -23.24 -2.89 -20.86
CA CYS B 145 -23.11 -1.41 -20.88
C CYS B 145 -21.78 -1.03 -21.56
N LEU B 146 -21.77 0.00 -22.43
CA LEU B 146 -20.52 0.58 -23.00
C LEU B 146 -20.49 2.08 -22.74
N ALA B 147 -19.39 2.52 -22.17
CA ALA B 147 -18.94 3.92 -22.15
C ALA B 147 -17.79 4.01 -23.12
N THR B 148 -17.90 4.95 -24.07
CA THR B 148 -17.00 5.09 -25.24
C THR B 148 -16.62 6.57 -25.41
N GLY B 149 -15.47 6.81 -26.05
CA GLY B 149 -15.02 8.17 -26.43
C GLY B 149 -14.71 9.06 -25.24
N PHE B 150 -14.39 8.54 -24.04
CA PHE B 150 -14.05 9.42 -22.88
C PHE B 150 -12.54 9.60 -22.77
N TYR B 151 -12.15 10.75 -22.21
CA TYR B 151 -10.75 11.15 -21.93
C TYR B 151 -10.79 12.24 -20.88
N PRO B 152 -10.03 12.15 -19.77
CA PRO B 152 -9.14 10.99 -19.53
C PRO B 152 -9.90 9.74 -19.01
N ASP B 153 -9.14 8.75 -18.54
CA ASP B 153 -9.63 7.34 -18.36
C ASP B 153 -10.29 7.11 -16.99
N HIS B 154 -10.69 8.15 -16.26
CA HIS B 154 -11.19 8.06 -14.87
C HIS B 154 -12.72 8.08 -14.91
N VAL B 155 -13.34 6.90 -14.92
CA VAL B 155 -14.82 6.83 -14.77
C VAL B 155 -15.16 5.88 -13.65
N GLU B 156 -16.39 5.95 -13.18
CA GLU B 156 -16.96 4.93 -12.31
C GLU B 156 -18.32 4.54 -12.86
N LEU B 157 -18.44 3.26 -13.18
CA LEU B 157 -19.64 2.65 -13.76
C LEU B 157 -20.37 1.89 -12.66
N SER B 158 -21.64 2.20 -12.47
CA SER B 158 -22.54 1.40 -11.62
C SER B 158 -23.86 1.06 -12.35
N TRP B 159 -24.46 -0.04 -11.91
CA TRP B 159 -25.75 -0.57 -12.39
C TRP B 159 -26.82 -0.24 -11.34
N TRP B 160 -27.98 0.20 -11.81
CA TRP B 160 -29.11 0.60 -10.95
C TRP B 160 -30.37 -0.10 -11.44
N VAL B 161 -31.01 -0.88 -10.58
CA VAL B 161 -32.18 -1.71 -10.96
C VAL B 161 -33.31 -1.20 -10.12
N ASN B 162 -34.30 -0.56 -10.76
CA ASN B 162 -35.48 -0.03 -10.03
C ASN B 162 -34.95 0.98 -8.99
N GLY B 163 -33.99 1.82 -9.36
CA GLY B 163 -33.53 2.95 -8.51
C GLY B 163 -32.58 2.52 -7.40
N LYS B 164 -32.24 1.23 -7.34
CA LYS B 164 -31.34 0.57 -6.33
C LYS B 164 -29.99 0.13 -6.95
N GLU B 165 -28.84 0.63 -6.47
CA GLU B 165 -27.52 0.11 -6.95
C GLU B 165 -27.35 -1.38 -6.63
N VAL B 166 -26.89 -2.15 -7.62
CA VAL B 166 -26.70 -3.61 -7.48
C VAL B 166 -25.23 -3.94 -7.74
N HIS B 167 -24.84 -5.12 -7.30
CA HIS B 167 -23.45 -5.66 -7.26
C HIS B 167 -23.51 -7.10 -7.76
N SER B 168 -24.48 -7.86 -7.24
CA SER B 168 -24.82 -9.22 -7.69
C SER B 168 -25.08 -9.22 -9.20
N GLY B 169 -24.46 -10.13 -9.93
CA GLY B 169 -24.65 -10.33 -11.38
C GLY B 169 -23.78 -9.40 -12.21
N VAL B 170 -22.99 -8.56 -11.53
CA VAL B 170 -22.21 -7.49 -12.18
C VAL B 170 -20.74 -7.88 -12.31
N CYS B 171 -20.18 -7.55 -13.48
CA CYS B 171 -18.75 -7.60 -13.72
C CYS B 171 -18.39 -6.40 -14.57
N THR B 172 -17.54 -5.52 -14.08
CA THR B 172 -17.08 -4.34 -14.86
C THR B 172 -15.61 -4.56 -15.27
N ASP B 173 -15.20 -4.17 -16.46
CA ASP B 173 -13.77 -4.34 -16.85
C ASP B 173 -12.91 -3.66 -15.79
N PRO B 174 -11.80 -4.30 -15.34
CA PRO B 174 -10.92 -3.65 -14.37
C PRO B 174 -10.36 -2.33 -14.95
N GLN B 175 -10.14 -2.27 -16.27
CA GLN B 175 -9.43 -1.13 -16.93
C GLN B 175 -10.10 -0.75 -18.24
N PRO B 176 -10.12 0.56 -18.58
CA PRO B 176 -10.52 1.01 -19.92
C PRO B 176 -9.56 0.52 -21.02
N LEU B 177 -10.01 0.53 -22.28
CA LEU B 177 -9.21 0.34 -23.52
C LEU B 177 -9.06 1.70 -24.18
N LYS B 178 -7.92 1.90 -24.84
CA LYS B 178 -7.67 3.04 -25.77
C LYS B 178 -8.36 2.66 -27.08
N GLU B 179 -9.27 3.51 -27.55
CA GLU B 179 -9.98 3.28 -28.84
C GLU B 179 -8.94 3.38 -29.98
N GLN B 180 -8.12 4.43 -30.00
CA GLN B 180 -6.97 4.56 -30.95
C GLN B 180 -5.69 4.23 -30.19
N PRO B 181 -5.34 2.94 -29.95
CA PRO B 181 -4.28 2.59 -28.99
C PRO B 181 -2.87 3.18 -29.28
N ALA B 182 -2.57 3.52 -30.55
CA ALA B 182 -1.40 4.34 -30.97
C ALA B 182 -1.54 5.73 -30.34
N LEU B 183 -2.09 6.71 -31.09
CA LEU B 183 -2.46 8.06 -30.56
C LEU B 183 -2.21 8.05 -29.04
N ASN B 184 -1.10 8.65 -28.59
CA ASN B 184 -0.62 8.64 -27.18
C ASN B 184 -1.72 9.25 -26.28
N ASP B 185 -2.59 10.13 -26.80
CA ASP B 185 -3.64 10.81 -26.00
C ASP B 185 -5.06 10.32 -26.39
N SER B 186 -5.16 9.07 -26.87
CA SER B 186 -6.42 8.35 -27.24
C SER B 186 -7.49 8.51 -26.15
N ARG B 187 -8.75 8.59 -26.60
CA ARG B 187 -9.97 8.45 -25.77
C ARG B 187 -10.22 6.97 -25.43
N TYR B 188 -11.08 6.70 -24.44
CA TYR B 188 -11.20 5.33 -23.84
C TYR B 188 -12.60 4.75 -24.06
N ALA B 189 -12.72 3.44 -23.81
CA ALA B 189 -14.02 2.76 -23.63
C ALA B 189 -13.99 1.85 -22.39
N LEU B 190 -15.15 1.40 -21.95
CA LEU B 190 -15.30 0.53 -20.75
C LEU B 190 -16.56 -0.32 -20.93
N SER B 191 -16.48 -1.59 -20.57
CA SER B 191 -17.65 -2.49 -20.64
C SER B 191 -18.00 -2.97 -19.22
N SER B 192 -19.26 -3.30 -19.06
CA SER B 192 -19.82 -3.89 -17.84
C SER B 192 -20.96 -4.80 -18.28
N ARG B 193 -21.17 -5.84 -17.50
CA ARG B 193 -22.17 -6.89 -17.71
C ARG B 193 -23.03 -6.95 -16.46
N LEU B 194 -24.33 -6.92 -16.63
CA LEU B 194 -25.26 -7.25 -15.54
C LEU B 194 -26.14 -8.36 -16.11
N ARG B 195 -26.27 -9.43 -15.35
CA ARG B 195 -26.96 -10.67 -15.79
C ARG B 195 -27.96 -11.04 -14.71
N VAL B 196 -29.21 -11.25 -15.13
CA VAL B 196 -30.38 -11.56 -14.26
C VAL B 196 -30.99 -12.87 -14.78
N SER B 197 -31.88 -13.51 -14.03
CA SER B 197 -32.73 -14.61 -14.51
C SER B 197 -33.57 -14.05 -15.64
N ALA B 198 -33.86 -14.80 -16.72
CA ALA B 198 -34.80 -14.40 -17.82
C ALA B 198 -36.17 -13.90 -17.31
N THR B 199 -36.63 -14.41 -16.17
CA THR B 199 -37.88 -14.03 -15.47
C THR B 199 -37.81 -12.55 -15.09
N PHE B 200 -36.76 -12.16 -14.36
CA PHE B 200 -36.51 -10.75 -13.98
C PHE B 200 -36.50 -9.86 -15.22
N TRP B 201 -35.76 -10.27 -16.26
CA TRP B 201 -35.61 -9.46 -17.51
C TRP B 201 -36.94 -9.32 -18.25
N GLN B 202 -37.76 -10.36 -18.18
CA GLN B 202 -39.03 -10.53 -18.93
C GLN B 202 -40.13 -9.66 -18.32
N ASN B 203 -39.96 -9.28 -17.06
CA ASN B 203 -40.96 -8.46 -16.34
C ASN B 203 -40.84 -7.02 -16.84
N PRO B 204 -41.86 -6.41 -17.48
CA PRO B 204 -41.70 -5.07 -18.05
C PRO B 204 -41.62 -3.95 -16.99
N ARG B 205 -41.79 -4.26 -15.71
CA ARG B 205 -41.79 -3.25 -14.60
C ARG B 205 -40.35 -2.99 -14.10
N ASN B 206 -39.41 -3.87 -14.47
CA ASN B 206 -38.01 -3.79 -14.01
C ASN B 206 -37.27 -2.88 -14.99
N HIS B 207 -36.61 -1.86 -14.45
CA HIS B 207 -35.83 -0.79 -15.10
C HIS B 207 -34.32 -0.95 -14.76
N PHE B 208 -33.45 -0.84 -15.76
CA PHE B 208 -32.00 -1.14 -15.65
C PHE B 208 -31.30 0.14 -16.09
N ARG B 209 -30.50 0.71 -15.22
CA ARG B 209 -29.72 1.91 -15.59
C ARG B 209 -28.21 1.60 -15.39
N CYS B 210 -27.47 1.92 -16.42
CA CYS B 210 -26.01 1.98 -16.44
C CYS B 210 -25.59 3.44 -16.27
N GLN B 211 -24.93 3.76 -15.15
CA GLN B 211 -24.55 5.11 -14.71
C GLN B 211 -23.03 5.23 -14.76
N VAL B 212 -22.53 6.18 -15.51
CA VAL B 212 -21.07 6.43 -15.65
C VAL B 212 -20.78 7.83 -15.15
N GLN B 213 -20.16 7.89 -13.96
CA GLN B 213 -19.64 9.13 -13.35
C GLN B 213 -18.34 9.43 -14.08
N PHE B 214 -18.22 10.61 -14.65
CA PHE B 214 -16.97 10.99 -15.37
C PHE B 214 -16.32 12.16 -14.65
N TYR B 215 -15.01 12.10 -14.55
CA TYR B 215 -14.16 13.08 -13.81
C TYR B 215 -13.47 13.98 -14.84
N GLY B 216 -13.88 15.26 -14.90
CA GLY B 216 -13.48 16.21 -15.96
C GLY B 216 -13.18 17.62 -15.44
N LEU B 217 -13.55 18.64 -16.22
CA LEU B 217 -13.30 20.05 -15.85
C LEU B 217 -14.23 20.53 -14.72
N SER B 218 -13.76 21.55 -14.01
CA SER B 218 -14.45 22.27 -12.90
C SER B 218 -15.18 23.46 -13.52
N GLU B 219 -16.04 24.17 -12.77
CA GLU B 219 -16.76 25.40 -13.24
C GLU B 219 -15.81 26.61 -13.12
N ASN B 220 -14.60 26.38 -12.58
CA ASN B 220 -13.50 27.37 -12.42
C ASN B 220 -12.34 27.02 -13.37
N ASP B 221 -12.65 26.43 -14.53
CA ASP B 221 -11.75 26.37 -15.72
C ASP B 221 -12.40 27.21 -16.83
N GLU B 222 -11.59 27.93 -17.59
CA GLU B 222 -12.01 28.58 -18.86
C GLU B 222 -12.22 27.48 -19.90
N TRP B 223 -13.06 27.76 -20.90
CA TRP B 223 -13.49 26.82 -21.97
C TRP B 223 -14.24 27.60 -23.07
N THR B 224 -13.77 27.48 -24.31
CA THR B 224 -14.37 28.13 -25.51
C THR B 224 -14.10 27.22 -26.72
N GLN B 225 -14.95 26.21 -26.96
CA GLN B 225 -14.74 25.19 -28.03
C GLN B 225 -16.05 24.86 -28.74
N ASP B 226 -17.13 25.57 -28.39
CA ASP B 226 -18.48 25.45 -28.99
C ASP B 226 -19.13 24.22 -28.36
N ARG B 227 -18.67 23.00 -28.67
CA ARG B 227 -19.19 21.75 -28.04
C ARG B 227 -19.17 21.91 -26.50
N ALA B 228 -20.12 21.26 -25.82
CA ALA B 228 -20.39 21.40 -24.36
C ALA B 228 -19.10 21.21 -23.55
N LYS B 229 -18.83 22.19 -22.67
CA LYS B 229 -17.76 22.11 -21.63
C LYS B 229 -17.86 20.75 -20.93
N PRO B 230 -16.85 19.86 -21.11
CA PRO B 230 -16.91 18.49 -20.59
C PRO B 230 -16.63 18.41 -19.08
N VAL B 231 -17.58 18.84 -18.26
CA VAL B 231 -17.46 18.93 -16.78
C VAL B 231 -17.67 17.53 -16.19
N THR B 232 -17.16 17.35 -14.98
CA THR B 232 -17.59 16.25 -14.10
C THR B 232 -19.11 16.19 -14.25
N GLN B 233 -19.62 15.05 -14.63
CA GLN B 233 -21.05 14.82 -14.93
C GLN B 233 -21.29 13.33 -14.76
N ILE B 234 -22.57 12.96 -14.70
CA ILE B 234 -23.08 11.58 -14.79
C ILE B 234 -23.79 11.44 -16.15
N VAL B 235 -23.41 10.45 -16.93
CA VAL B 235 -24.10 10.03 -18.15
C VAL B 235 -24.68 8.63 -17.92
N SER B 236 -26.00 8.44 -18.09
CA SER B 236 -26.64 7.13 -17.92
C SER B 236 -27.25 6.63 -19.25
N ALA B 237 -27.50 5.32 -19.38
CA ALA B 237 -28.40 4.73 -20.38
C ALA B 237 -29.23 3.65 -19.71
N GLU B 238 -30.41 3.35 -20.26
CA GLU B 238 -31.47 2.57 -19.57
C GLU B 238 -32.05 1.54 -20.52
N ALA B 239 -32.55 0.45 -19.97
CA ALA B 239 -33.44 -0.45 -20.70
C ALA B 239 -34.55 -0.90 -19.77
N TRP B 240 -35.67 -1.26 -20.36
CA TRP B 240 -36.83 -1.77 -19.63
C TRP B 240 -36.98 -3.23 -20.01
N GLY B 241 -37.29 -4.08 -19.05
CA GLY B 241 -37.68 -5.47 -19.33
C GLY B 241 -38.75 -5.59 -20.42
N ARG B 242 -38.64 -6.60 -21.27
CA ARG B 242 -39.65 -6.96 -22.29
C ARG B 242 -40.23 -8.33 -21.94
N ALA B 243 -41.56 -8.45 -22.07
CA ALA B 243 -42.34 -9.72 -22.08
C ALA B 243 -41.84 -10.64 -23.21
N ASP B 244 -41.47 -10.02 -24.35
CA ASP B 244 -41.01 -10.65 -25.62
C ASP B 244 -39.88 -11.64 -25.34
N GLY C 2 33.37 -18.49 31.35
CA GLY C 2 32.18 -17.98 32.11
C GLY C 2 31.18 -17.21 31.25
N PRO C 3 30.24 -16.44 31.89
CA PRO C 3 29.28 -15.61 31.17
C PRO C 3 29.82 -14.20 30.84
N HIS C 4 29.03 -13.44 30.09
CA HIS C 4 29.46 -12.19 29.43
C HIS C 4 28.27 -11.25 29.26
N SER C 5 28.59 -9.99 29.08
CA SER C 5 27.54 -8.95 28.97
C SER C 5 27.95 -7.96 27.88
N MET C 6 26.93 -7.36 27.28
CA MET C 6 27.07 -6.14 26.48
C MET C 6 26.03 -5.16 27.02
N ARG C 7 26.40 -3.91 27.21
CA ARG C 7 25.55 -2.93 27.88
C ARG C 7 25.87 -1.61 27.22
N TYR C 8 24.83 -0.88 26.79
CA TYR C 8 24.92 0.53 26.38
C TYR C 8 24.12 1.35 27.36
N TYR C 9 24.66 2.54 27.60
CA TYR C 9 24.10 3.61 28.46
C TYR C 9 24.09 4.88 27.59
N GLU C 10 22.90 5.31 27.21
CA GLU C 10 22.64 6.54 26.45
C GLU C 10 21.98 7.56 27.41
N THR C 11 22.56 8.73 27.47
CA THR C 11 22.14 9.84 28.35
C THR C 11 21.95 11.13 27.53
N ALA C 12 20.86 11.84 27.82
CA ALA C 12 20.68 13.26 27.43
C ALA C 12 20.38 14.10 28.67
N THR C 13 21.15 15.16 28.83
CA THR C 13 20.93 16.17 29.88
C THR C 13 20.62 17.50 29.16
N SER C 14 19.41 18.04 29.35
CA SER C 14 19.04 19.39 28.85
C SER C 14 19.78 20.37 29.76
N ARG C 15 20.28 21.47 29.23
CA ARG C 15 21.11 22.44 30.02
C ARG C 15 20.40 23.80 30.13
N ARG C 16 20.82 24.63 31.11
CA ARG C 16 20.14 25.89 31.54
C ARG C 16 20.10 26.90 30.37
N GLY C 17 21.23 27.57 30.09
CA GLY C 17 21.33 28.64 29.08
C GLY C 17 21.89 28.11 27.77
N LEU C 18 21.93 26.79 27.59
CA LEU C 18 22.53 26.12 26.40
C LEU C 18 21.40 25.58 25.49
N GLY C 19 20.43 24.81 26.02
CA GLY C 19 19.19 24.44 25.29
C GLY C 19 19.37 23.22 24.39
N GLU C 20 20.43 23.20 23.57
CA GLU C 20 21.01 21.99 22.91
C GLU C 20 21.51 21.03 23.99
N PRO C 21 20.86 19.86 24.18
CA PRO C 21 21.30 18.91 25.20
C PRO C 21 22.62 18.14 24.93
N ARG C 22 23.30 17.78 26.00
CA ARG C 22 24.51 16.93 26.02
C ARG C 22 24.04 15.50 25.82
N TYR C 23 24.41 14.88 24.66
CA TYR C 23 24.04 13.47 24.39
C TYR C 23 25.31 12.64 24.53
N THR C 24 25.23 11.51 25.23
CA THR C 24 26.36 10.53 25.25
C THR C 24 25.86 9.12 25.08
N SER C 25 26.72 8.29 24.48
CA SER C 25 26.49 6.83 24.41
C SER C 25 27.78 6.12 24.79
N VAL C 26 27.69 5.15 25.68
CA VAL C 26 28.87 4.39 26.15
C VAL C 26 28.49 2.91 26.10
N GLY C 27 29.19 2.17 25.26
CA GLY C 27 29.09 0.71 25.21
C GLY C 27 30.16 0.06 26.09
N TYR C 28 29.78 -1.02 26.75
CA TYR C 28 30.68 -1.84 27.59
C TYR C 28 30.57 -3.28 27.13
N VAL C 29 31.65 -4.04 27.14
CA VAL C 29 31.49 -5.51 27.24
C VAL C 29 32.25 -6.04 28.46
N ASP C 30 31.52 -6.81 29.28
CA ASP C 30 32.03 -7.34 30.57
C ASP C 30 32.48 -6.16 31.42
N ASP C 31 31.73 -5.06 31.36
CA ASP C 31 31.94 -3.86 32.21
C ASP C 31 33.18 -3.07 31.83
N LYS C 32 33.79 -3.32 30.66
CA LYS C 32 34.88 -2.45 30.13
C LYS C 32 34.34 -1.63 28.94
N GLU C 33 34.48 -0.31 29.05
CA GLU C 33 34.13 0.64 27.99
C GLU C 33 34.88 0.26 26.69
N PHE C 34 34.16 0.11 25.58
CA PHE C 34 34.75 -0.22 24.25
C PHE C 34 34.36 0.78 23.15
N VAL C 35 33.31 1.58 23.35
CA VAL C 35 32.91 2.63 22.39
C VAL C 35 32.27 3.79 23.15
N ARG C 36 32.37 4.98 22.54
CA ARG C 36 31.80 6.20 23.12
C ARG C 36 31.46 7.17 22.00
N PHE C 37 30.32 7.85 22.16
CA PHE C 37 29.87 9.03 21.40
C PHE C 37 29.61 10.18 22.40
N ASP C 38 30.11 11.34 22.06
CA ASP C 38 30.09 12.59 22.87
C ASP C 38 29.58 13.69 21.93
N SER C 39 28.33 14.14 22.11
CA SER C 39 27.70 15.24 21.30
C SER C 39 28.43 16.59 21.47
N ASP C 40 29.17 16.80 22.56
CA ASP C 40 29.94 18.06 22.75
C ASP C 40 31.31 18.01 22.08
N ALA C 41 31.68 16.91 21.47
CA ALA C 41 32.85 16.89 20.58
C ALA C 41 32.57 17.76 19.32
N GLU C 42 33.61 18.18 18.63
CA GLU C 42 33.52 18.83 17.28
C GLU C 42 33.15 17.74 16.24
N ASN C 43 32.16 17.95 15.38
CA ASN C 43 31.85 16.93 14.32
C ASN C 43 31.85 15.55 14.99
N PRO C 44 31.06 15.33 16.05
CA PRO C 44 31.17 14.09 16.82
C PRO C 44 30.81 12.76 16.14
N ARG C 45 31.59 11.71 16.39
CA ARG C 45 31.40 10.32 15.89
C ARG C 45 31.51 9.30 17.04
N TYR C 46 30.95 8.11 16.83
CA TYR C 46 31.32 6.94 17.69
C TYR C 46 32.81 6.68 17.53
N GLU C 47 33.52 6.35 18.61
CA GLU C 47 34.98 6.10 18.55
C GLU C 47 35.32 4.90 19.42
N PRO C 48 36.21 4.01 18.91
CA PRO C 48 36.59 2.82 19.68
C PRO C 48 37.39 3.28 20.89
N GLN C 49 37.26 2.58 22.00
CA GLN C 49 38.04 2.90 23.24
C GLN C 49 38.94 1.71 23.56
N VAL C 50 38.98 0.65 22.73
CA VAL C 50 39.85 -0.55 22.93
C VAL C 50 40.56 -0.93 21.63
N PRO C 51 41.76 -1.51 21.70
CA PRO C 51 42.47 -1.99 20.50
C PRO C 51 41.67 -3.04 19.70
N TRP C 52 40.82 -3.84 20.34
CA TRP C 52 40.17 -4.98 19.64
C TRP C 52 38.93 -4.53 18.83
N MET C 53 38.66 -3.21 18.82
CA MET C 53 37.60 -2.54 18.04
C MET C 53 38.23 -1.79 16.85
N GLU C 54 39.53 -1.94 16.59
CA GLU C 54 40.25 -1.29 15.45
C GLU C 54 39.99 -1.98 14.10
N GLN C 55 39.08 -2.95 14.00
CA GLN C 55 38.83 -3.74 12.75
C GLN C 55 37.31 -4.02 12.58
N GLU C 56 36.44 -3.01 12.75
CA GLU C 56 35.00 -3.13 12.39
C GLU C 56 34.79 -2.63 10.95
N GLY C 57 35.64 -1.70 10.46
CA GLY C 57 35.58 -1.16 9.10
C GLY C 57 34.71 0.10 8.95
N PRO C 58 35.11 1.05 8.08
CA PRO C 58 34.57 2.42 8.04
C PRO C 58 33.04 2.56 8.05
N GLU C 59 32.28 1.69 7.39
CA GLU C 59 30.78 1.83 7.30
C GLU C 59 30.04 1.46 8.60
N TYR C 60 30.56 0.56 9.45
CA TYR C 60 30.07 0.42 10.85
C TYR C 60 30.10 1.82 11.50
N TRP C 61 31.24 2.49 11.50
CA TRP C 61 31.35 3.77 12.25
C TRP C 61 30.43 4.81 11.59
N GLU C 62 30.22 4.75 10.30
CA GLU C 62 29.39 5.74 9.58
C GLU C 62 27.96 5.48 10.00
N ARG C 63 27.58 4.21 10.09
CA ARG C 63 26.16 3.80 10.26
C ARG C 63 25.73 4.21 11.69
N ILE C 64 26.51 3.85 12.70
CA ILE C 64 26.10 4.08 14.11
C ILE C 64 26.31 5.56 14.45
N THR C 65 27.19 6.29 13.73
CA THR C 65 27.30 7.76 13.90
C THR C 65 25.98 8.41 13.43
N GLN C 66 25.36 7.91 12.34
CA GLN C 66 24.03 8.43 11.92
C GLN C 66 22.99 8.07 12.99
N VAL C 67 23.15 6.92 13.64
CA VAL C 67 22.16 6.49 14.66
C VAL C 67 22.20 7.47 15.83
N ALA C 68 23.39 7.73 16.38
CA ALA C 68 23.58 8.76 17.42
C ALA C 68 22.87 10.05 17.02
N LYS C 69 23.10 10.57 15.82
CA LYS C 69 22.53 11.91 15.47
C LYS C 69 21.03 11.80 15.60
N GLY C 70 20.46 10.69 15.14
CA GLY C 70 18.99 10.49 15.15
C GLY C 70 18.52 10.23 16.56
N GLN C 71 19.31 9.49 17.33
CA GLN C 71 18.95 9.18 18.73
C GLN C 71 18.94 10.46 19.57
N GLU C 72 19.87 11.37 19.33
CA GLU C 72 19.83 12.75 19.90
C GLU C 72 18.46 13.42 19.70
N GLN C 73 17.86 13.37 18.52
CA GLN C 73 16.48 13.88 18.24
C GLN C 73 15.45 13.18 19.14
N TRP C 74 15.58 11.88 19.36
CA TRP C 74 14.66 11.12 20.25
C TRP C 74 14.82 11.57 21.70
N PHE C 75 16.04 11.74 22.20
CA PHE C 75 16.23 12.12 23.63
C PHE C 75 15.62 13.52 23.79
N ARG C 76 15.73 14.43 22.82
CA ARG C 76 15.38 15.84 23.08
C ARG C 76 13.86 15.97 23.02
N VAL C 77 13.23 15.29 22.06
CA VAL C 77 11.74 15.24 22.00
C VAL C 77 11.20 14.68 23.31
N ASN C 78 11.81 13.63 23.86
CA ASN C 78 11.21 12.86 24.97
C ASN C 78 11.57 13.57 26.28
N LEU C 79 12.64 14.35 26.33
CA LEU C 79 12.91 15.16 27.55
C LEU C 79 11.79 16.18 27.76
N ARG C 80 11.25 16.71 26.66
CA ARG C 80 10.32 17.86 26.68
C ARG C 80 8.90 17.30 26.82
N THR C 81 8.67 16.05 26.46
CA THR C 81 7.45 15.28 26.79
C THR C 81 7.41 15.02 28.29
N LEU C 82 8.56 14.71 28.88
CA LEU C 82 8.66 14.35 30.32
C LEU C 82 8.45 15.62 31.16
N LEU C 83 8.83 16.80 30.64
CA LEU C 83 8.48 18.12 31.25
C LEU C 83 6.95 18.22 31.39
N GLY C 84 6.20 17.98 30.31
CA GLY C 84 4.72 17.99 30.30
C GLY C 84 4.15 16.99 31.29
N TYR C 85 4.62 15.74 31.27
CA TYR C 85 4.09 14.59 32.05
C TYR C 85 4.29 14.85 33.56
N TYR C 86 5.36 15.57 33.92
CA TYR C 86 5.71 15.88 35.34
C TYR C 86 5.48 17.36 35.63
N ASN C 87 4.86 18.10 34.70
CA ASN C 87 4.43 19.52 34.85
C ASN C 87 5.56 20.37 35.48
N GLN C 88 6.79 20.27 34.95
CA GLN C 88 7.95 21.12 35.32
C GLN C 88 8.08 22.17 34.23
N SER C 89 8.95 23.16 34.35
CA SER C 89 9.11 24.21 33.29
C SER C 89 10.44 24.09 32.53
N ALA C 90 10.44 24.71 31.35
CA ALA C 90 11.52 24.79 30.34
C ALA C 90 12.75 25.58 30.85
N GLY C 91 13.88 25.42 30.14
CA GLY C 91 15.21 25.84 30.61
C GLY C 91 15.58 25.21 31.96
N GLY C 92 15.04 24.03 32.28
CA GLY C 92 15.51 23.20 33.40
C GLY C 92 16.76 22.39 33.05
N THR C 93 17.41 21.82 34.07
CA THR C 93 18.40 20.73 33.96
C THR C 93 17.70 19.41 34.31
N HIS C 94 17.47 18.56 33.31
CA HIS C 94 16.95 17.18 33.50
C HIS C 94 17.80 16.19 32.69
N THR C 95 17.87 14.98 33.20
CA THR C 95 18.62 13.84 32.63
C THR C 95 17.62 12.74 32.29
N LEU C 96 17.68 12.25 31.05
CA LEU C 96 17.11 10.92 30.65
C LEU C 96 18.22 9.90 30.47
N GLN C 97 18.17 8.77 31.15
CA GLN C 97 19.12 7.67 30.95
C GLN C 97 18.35 6.46 30.40
N TRP C 98 18.90 5.86 29.34
CA TRP C 98 18.50 4.57 28.74
C TRP C 98 19.65 3.57 28.83
N MET C 99 19.45 2.51 29.62
CA MET C 99 20.41 1.41 29.78
C MET C 99 19.82 0.19 29.07
N TYR C 100 20.61 -0.49 28.23
CA TYR C 100 20.11 -1.71 27.56
C TYR C 100 21.27 -2.58 27.21
N GLY C 101 20.95 -3.84 27.00
CA GLY C 101 21.91 -4.81 26.46
C GLY C 101 21.51 -6.20 26.88
N CYS C 102 22.48 -7.10 26.89
CA CYS C 102 22.22 -8.53 27.02
C CYS C 102 23.31 -9.16 27.87
N ASP C 103 22.93 -10.11 28.71
CA ASP C 103 23.83 -11.12 29.34
C ASP C 103 23.63 -12.47 28.66
N VAL C 104 24.76 -13.13 28.38
CA VAL C 104 24.79 -14.53 27.89
C VAL C 104 25.61 -15.38 28.86
N GLY C 105 25.31 -16.69 28.91
CA GLY C 105 26.12 -17.74 29.61
C GLY C 105 27.30 -18.21 28.79
N SER C 106 28.13 -19.12 29.34
CA SER C 106 29.31 -19.77 28.70
C SER C 106 29.04 -20.16 27.23
N ASP C 107 27.86 -20.72 27.03
CA ASP C 107 27.33 -21.22 25.73
C ASP C 107 26.91 -20.06 24.80
N GLY C 108 26.99 -18.79 25.21
CA GLY C 108 26.63 -17.69 24.30
C GLY C 108 25.11 -17.43 24.16
N ARG C 109 24.26 -18.26 24.76
CA ARG C 109 22.77 -18.08 24.78
C ARG C 109 22.33 -17.02 25.80
N LEU C 110 21.23 -16.37 25.51
CA LEU C 110 20.79 -15.19 26.28
C LEU C 110 20.34 -15.65 27.66
N LEU C 111 20.82 -15.00 28.72
CA LEU C 111 20.29 -15.20 30.09
C LEU C 111 19.31 -14.07 30.39
N ARG C 112 19.65 -12.83 30.03
CA ARG C 112 18.84 -11.71 30.51
C ARG C 112 18.96 -10.58 29.49
N GLY C 113 17.87 -9.84 29.33
CA GLY C 113 17.80 -8.64 28.48
C GLY C 113 17.45 -7.44 29.32
N TYR C 114 17.83 -6.26 28.89
CA TYR C 114 17.53 -5.02 29.63
C TYR C 114 17.07 -3.95 28.68
N GLU C 115 16.00 -3.25 29.08
CA GLU C 115 15.58 -1.94 28.54
C GLU C 115 15.11 -1.08 29.71
N GLN C 116 15.94 -0.20 30.24
CA GLN C 116 15.56 0.61 31.43
C GLN C 116 15.72 2.08 31.12
N PHE C 117 14.72 2.86 31.48
CA PHE C 117 14.70 4.33 31.36
C PHE C 117 14.62 4.94 32.76
N ALA C 118 15.39 5.99 32.98
CA ALA C 118 15.47 6.73 34.26
C ALA C 118 15.36 8.24 33.97
N TYR C 119 14.46 8.96 34.66
CA TYR C 119 14.40 10.44 34.56
C TYR C 119 14.89 11.04 35.87
N ASP C 120 15.82 12.01 35.78
CA ASP C 120 16.38 12.80 36.92
C ASP C 120 16.79 11.83 38.04
N GLY C 121 17.55 10.82 37.67
CA GLY C 121 18.16 9.83 38.58
C GLY C 121 17.19 8.77 39.07
N CYS C 122 15.88 8.90 38.80
CA CYS C 122 14.81 8.03 39.38
C CYS C 122 14.26 7.14 38.25
N ASP C 123 13.92 5.88 38.47
CA ASP C 123 13.60 5.07 37.26
C ASP C 123 12.16 5.32 36.85
N TYR C 124 11.93 5.22 35.55
CA TYR C 124 10.74 5.77 34.87
C TYR C 124 9.94 4.59 34.32
N ILE C 125 10.51 3.85 33.37
CA ILE C 125 9.86 2.58 32.95
C ILE C 125 10.97 1.59 32.64
N ALA C 126 10.71 0.32 32.85
CA ALA C 126 11.71 -0.74 32.61
C ALA C 126 11.04 -1.99 32.05
N LEU C 127 11.73 -2.72 31.20
CA LEU C 127 11.29 -4.01 30.64
C LEU C 127 11.62 -5.14 31.62
N ASN C 128 10.61 -5.99 31.90
CA ASN C 128 10.74 -7.10 32.86
C ASN C 128 11.58 -8.15 32.15
N GLU C 129 12.05 -9.11 32.93
CA GLU C 129 12.89 -10.24 32.47
C GLU C 129 12.18 -11.05 31.39
N ASP C 130 10.84 -11.14 31.39
CA ASP C 130 10.07 -11.86 30.36
C ASP C 130 10.32 -11.25 28.96
N LEU C 131 10.80 -10.02 28.90
CA LEU C 131 10.96 -9.28 27.63
C LEU C 131 9.58 -9.13 26.98
N ARG C 132 8.50 -9.07 27.78
N ARG C 132 8.53 -9.08 27.81
CA ARG C 132 7.12 -9.00 27.23
CA ARG C 132 7.11 -9.11 27.35
C ARG C 132 6.25 -7.99 27.99
C ARG C 132 6.29 -7.98 27.97
N THR C 133 6.61 -7.59 29.21
CA THR C 133 5.80 -6.65 30.03
C THR C 133 6.69 -5.57 30.63
N TRP C 134 6.08 -4.43 30.97
CA TRP C 134 6.76 -3.19 31.45
C TRP C 134 6.43 -2.93 32.92
N THR C 135 7.40 -2.52 33.73
CA THR C 135 7.20 -1.92 35.07
C THR C 135 7.36 -0.39 34.94
N ALA C 136 6.26 0.34 35.23
CA ALA C 136 6.13 1.82 35.30
C ALA C 136 6.24 2.22 36.75
N ALA C 137 7.16 3.14 37.04
CA ALA C 137 7.45 3.67 38.38
C ALA C 137 6.23 4.39 39.01
N ASP C 138 5.42 5.11 38.23
CA ASP C 138 4.54 6.20 38.72
C ASP C 138 3.52 6.58 37.65
N MET C 139 2.70 7.60 37.89
CA MET C 139 1.49 7.94 37.09
C MET C 139 1.86 8.44 35.68
N ALA C 140 2.91 9.26 35.59
CA ALA C 140 3.52 9.74 34.33
C ALA C 140 4.00 8.57 33.46
N ALA C 141 4.60 7.55 34.08
CA ALA C 141 5.19 6.40 33.38
C ALA C 141 4.03 5.55 32.85
N GLN C 142 2.91 5.53 33.57
CA GLN C 142 1.71 4.74 33.16
C GLN C 142 1.28 5.16 31.76
N ILE C 143 1.29 6.47 31.46
CA ILE C 143 0.85 6.99 30.13
C ILE C 143 1.66 6.24 29.05
N THR C 144 2.97 6.25 29.24
CA THR C 144 3.98 5.63 28.34
C THR C 144 3.71 4.13 28.28
N ARG C 145 3.57 3.46 29.43
CA ARG C 145 3.35 1.99 29.45
C ARG C 145 2.16 1.60 28.56
N ARG C 146 1.06 2.35 28.66
CA ARG C 146 -0.19 2.16 27.90
C ARG C 146 0.13 2.23 26.39
N LYS C 147 0.65 3.36 25.94
CA LYS C 147 1.00 3.57 24.51
C LYS C 147 1.84 2.40 23.96
N TRP C 148 2.83 1.93 24.74
CA TRP C 148 3.85 0.88 24.40
C TRP C 148 3.25 -0.55 24.46
N GLU C 149 2.34 -0.83 25.39
CA GLU C 149 1.53 -2.10 25.38
C GLU C 149 0.70 -2.12 24.10
N GLN C 150 -0.02 -1.04 23.82
CA GLN C 150 -0.86 -0.94 22.60
C GLN C 150 0.01 -1.12 21.35
N ALA C 151 1.24 -0.57 21.27
CA ALA C 151 2.03 -0.54 20.02
C ALA C 151 2.99 -1.75 19.92
N GLY C 152 3.05 -2.59 20.96
CA GLY C 152 3.85 -3.82 20.97
C GLY C 152 5.35 -3.54 20.97
N ALA C 153 5.75 -2.49 21.69
CA ALA C 153 7.15 -2.08 21.88
C ALA C 153 8.04 -3.17 22.52
N ALA C 154 7.52 -4.00 23.43
CA ALA C 154 8.28 -5.11 24.04
C ALA C 154 8.78 -6.06 22.97
N GLU C 155 7.92 -6.46 22.06
CA GLU C 155 8.31 -7.35 20.96
C GLU C 155 9.44 -6.70 20.15
N TYR C 156 9.28 -5.40 19.91
CA TYR C 156 10.23 -4.56 19.11
C TYR C 156 11.61 -4.64 19.79
N TYR C 157 11.68 -4.39 21.08
CA TYR C 157 12.99 -4.37 21.79
C TYR C 157 13.52 -5.78 21.89
N ARG C 158 12.65 -6.74 22.17
CA ARG C 158 13.04 -8.17 22.29
C ARG C 158 13.77 -8.67 21.03
N ALA C 159 13.37 -8.21 19.83
CA ALA C 159 14.02 -8.63 18.55
C ALA C 159 15.49 -8.21 18.55
N TYR C 160 15.80 -7.01 19.06
CA TYR C 160 17.20 -6.55 19.27
C TYR C 160 17.88 -7.45 20.32
N LEU C 161 17.25 -7.55 21.49
CA LEU C 161 17.77 -8.25 22.70
C LEU C 161 18.13 -9.70 22.35
N GLU C 162 17.25 -10.39 21.63
CA GLU C 162 17.44 -11.83 21.36
C GLU C 162 18.27 -12.04 20.07
N GLY C 163 18.34 -11.09 19.13
CA GLY C 163 19.10 -11.25 17.85
C GLY C 163 20.44 -10.50 17.89
N GLU C 164 20.37 -9.23 17.54
CA GLU C 164 21.54 -8.42 17.18
C GLU C 164 22.49 -8.33 18.38
N CYS C 165 21.93 -8.14 19.57
CA CYS C 165 22.70 -7.96 20.82
C CYS C 165 23.56 -9.22 21.09
N VAL C 166 22.93 -10.35 21.17
CA VAL C 166 23.59 -11.64 21.43
C VAL C 166 24.61 -11.93 20.30
N GLU C 167 24.26 -11.72 19.03
CA GLU C 167 25.18 -12.04 17.92
C GLU C 167 26.44 -11.17 17.94
N TRP C 168 26.27 -9.87 18.18
CA TRP C 168 27.39 -8.89 18.28
C TRP C 168 28.17 -9.18 19.56
N LEU C 169 27.55 -9.52 20.69
CA LEU C 169 28.38 -9.83 21.86
C LEU C 169 29.31 -11.00 21.52
N HIS C 170 28.80 -12.04 20.86
CA HIS C 170 29.59 -13.21 20.38
C HIS C 170 30.79 -12.70 19.54
N ARG C 171 30.57 -11.92 18.46
CA ARG C 171 31.68 -11.40 17.61
C ARG C 171 32.68 -10.57 18.46
N TYR C 172 32.25 -9.64 19.30
CA TYR C 172 33.18 -8.87 20.16
C TYR C 172 34.00 -9.80 21.04
N LEU C 173 33.44 -10.91 21.52
CA LEU C 173 34.25 -11.81 22.37
C LEU C 173 35.27 -12.55 21.47
N LYS C 174 34.98 -12.86 20.20
CA LYS C 174 35.98 -13.45 19.22
C LYS C 174 37.11 -12.44 18.93
N ASN C 175 36.85 -11.22 18.43
CA ASN C 175 37.79 -10.05 18.24
C ASN C 175 38.82 -9.91 19.38
N GLY C 176 38.35 -9.76 20.64
CA GLY C 176 39.18 -9.48 21.82
C GLY C 176 39.28 -10.68 22.75
N ASN C 177 40.08 -11.68 22.39
CA ASN C 177 40.42 -12.87 23.21
C ASN C 177 41.14 -12.42 24.48
N HIS D 1 26.99 -3.09 19.30
CA HIS D 1 26.09 -2.62 18.24
C HIS D 1 25.00 -1.89 18.98
N PRO D 2 24.99 -0.54 18.97
CA PRO D 2 23.96 0.21 19.69
C PRO D 2 22.59 -0.08 19.07
N GLY D 3 21.54 0.23 19.81
CA GLY D 3 20.17 0.15 19.30
C GLY D 3 19.90 1.15 18.22
N SER D 4 18.88 0.86 17.45
CA SER D 4 18.42 1.74 16.35
C SER D 4 17.67 2.91 16.94
N VAL D 5 17.42 3.91 16.11
CA VAL D 5 16.69 5.13 16.58
C VAL D 5 15.34 4.62 17.07
N ASN D 6 14.97 4.99 18.29
CA ASN D 6 13.86 4.35 19.07
C ASN D 6 12.55 4.47 18.26
N GLU D 7 11.78 3.40 18.11
CA GLU D 7 10.58 3.39 17.21
C GLU D 7 9.47 4.25 17.82
N PHE D 8 9.41 4.33 19.15
CA PHE D 8 8.26 4.95 19.86
C PHE D 8 8.71 6.06 20.81
N ASP D 9 7.84 7.05 20.97
CA ASP D 9 8.02 8.16 21.94
C ASP D 9 7.31 7.76 23.23
N PHE D 10 7.73 8.34 24.34
CA PHE D 10 7.09 8.20 25.67
C PHE D 10 5.65 8.69 25.59
S SO4 E . -26.50 -6.50 -4.39
O1 SO4 E . -27.46 -6.91 -3.40
O2 SO4 E . -25.27 -7.21 -4.20
O3 SO4 E . -27.02 -6.78 -5.71
O4 SO4 E . -26.23 -5.08 -4.23
O1 MES F . -14.03 15.84 -5.15
C2 MES F . -13.43 17.07 -5.50
C3 MES F . -13.07 17.86 -4.28
N4 MES F . -13.56 17.17 -3.04
C5 MES F . -12.94 15.81 -2.99
C6 MES F . -13.17 15.10 -4.30
C7 MES F . -13.31 17.94 -1.78
C8 MES F . -11.85 18.28 -1.53
S MES F . -11.34 19.86 -2.22
O1S MES F . -9.95 20.00 -1.84
O2S MES F . -12.20 20.83 -1.59
O3S MES F . -11.52 19.81 -3.65
S SO4 G . 41.59 4.92 12.38
O1 SO4 G . 41.30 3.51 12.39
O2 SO4 G . 40.97 5.54 13.53
O3 SO4 G . 41.07 5.53 11.18
O4 SO4 G . 43.02 5.10 12.45
#